data_7VQT
#
_entry.id   7VQT
#
_cell.length_a   185.256
_cell.length_b   185.256
_cell.length_c   106.881
_cell.angle_alpha   90.000
_cell.angle_beta   90.000
_cell.angle_gamma   120.000
#
_symmetry.space_group_name_H-M   'P 61 2 2'
#
loop_
_entity.id
_entity.type
_entity.pdbx_description
1 polymer 'Lysine-specific histone demethylase 1A'
2 non-polymer GLYCEROL
3 non-polymer 'L(+)-TARTARIC ACID'
4 non-polymer 3-[3,5-bis(fluoranyl)-2-[(2-fluoranylpyridin-4-yl)methoxy]phenyl]propanal
5 non-polymer 'FLAVIN-ADENINE DINUCLEOTIDE'
#
_entity_poly.entity_id   1
_entity_poly.type   'polypeptide(L)'
_entity_poly.pdbx_seq_one_letter_code
;GPLGSHMSGVEGAAFQSRLPHDRMTSQEAACFPDIISGPQQTQKVFLFIRNRTLQLWLDNPKIQLTFEATLQQLEAPYNS
DTVLVHRVHSYLERHGLINFGIYKRIKPLPTKKTGKVIIIGSGVSGLAAARQLQSFGMDVTLLEARDRVGGRVATFRKGN
YVADLGAMVVTGLGGNPMAVVSKQVNMELAKIKQKCPLYEANGQAVPKEKDEMVEQEFNRLLEATSYLSHQLDFNVLNNK
PVSLGQALEVVIQLQEKHVKDEQIEHWKKIVKTQEELKELLNKMVNLKEKIKELHQQYKEASEVKPPRDITAEFLVKSKH
RDLTALCKEYDELAETQGKLEEKLQELEANPPSDVYLSSRDRQILDWHFANLEFANATPLSTLSLKHWDQDDDFEFTGSH
LTVRNGYSCVPVALAEGLDIKLNTAVRQVRYTASGCEVIAVNTRSTSQTFIYKCDAVLCTLPLGVLKQQPPAVQFVPPLP
EWKTSAVQRMGFGNLNKVVLCFDRVFWDPSVNLFGHVGSTTASRGELFLFWNLYKAPILLALVAGEAAGIMENISDDVIV
GRCLAILKGIFGSSAVPQPKETVVSRWRADPWARGSYSYVAAGSSGNDYDLMAQPITPGPSIPGAPQPIPRLFFAGEHTI
RNYPATVHGALLSGLREAGRIADQFLGAM
;
_entity_poly.pdbx_strand_id   A
#
# COMPACT_ATOMS: atom_id res chain seq x y z
N SER A 8 -10.92 15.76 -22.77
CA SER A 8 -11.66 15.35 -23.98
C SER A 8 -12.21 13.91 -23.98
N GLY A 9 -13.00 13.59 -25.02
CA GLY A 9 -13.74 12.34 -25.15
C GLY A 9 -12.94 11.12 -25.60
N VAL A 10 -12.28 11.20 -26.75
CA VAL A 10 -11.46 10.05 -27.21
C VAL A 10 -10.09 10.06 -26.55
N GLU A 11 -9.65 11.21 -26.04
CA GLU A 11 -8.43 11.27 -25.24
C GLU A 11 -8.63 10.58 -23.91
N GLY A 12 -9.80 10.78 -23.31
CA GLY A 12 -10.16 10.06 -22.11
C GLY A 12 -10.05 8.56 -22.27
N ALA A 13 -10.39 8.05 -23.44
CA ALA A 13 -10.34 6.62 -23.62
C ALA A 13 -8.91 6.12 -23.55
N ALA A 14 -7.96 6.88 -24.09
CA ALA A 14 -6.55 6.50 -23.99
C ALA A 14 -6.09 6.54 -22.55
N PHE A 15 -6.44 7.60 -21.83
CA PHE A 15 -6.07 7.65 -20.42
C PHE A 15 -6.64 6.44 -19.68
N GLN A 16 -7.93 6.14 -19.91
CA GLN A 16 -8.58 5.01 -19.27
C GLN A 16 -7.92 3.69 -19.59
N SER A 17 -7.18 3.62 -20.69
CA SER A 17 -6.44 2.43 -21.05
C SER A 17 -5.00 2.50 -20.62
N ARG A 18 -4.62 3.48 -19.80
CA ARG A 18 -3.26 3.62 -19.32
C ARG A 18 -2.28 3.84 -20.45
N LEU A 19 -2.69 4.64 -21.42
CA LEU A 19 -1.87 4.93 -22.59
C LEU A 19 -1.74 6.43 -22.83
N PRO A 20 -0.59 6.87 -23.31
CA PRO A 20 -0.47 8.26 -23.71
C PRO A 20 -1.31 8.51 -24.93
N HIS A 21 -2.20 9.49 -24.84
CA HIS A 21 -3.12 9.68 -25.93
C HIS A 21 -2.42 10.21 -27.17
N ASP A 22 -1.23 10.81 -27.02
CA ASP A 22 -0.61 11.51 -28.13
C ASP A 22 0.75 10.92 -28.55
N ARG A 23 1.07 9.69 -28.17
CA ARG A 23 2.26 9.08 -28.76
C ARG A 23 2.10 7.57 -28.68
N MET A 24 2.89 6.87 -29.49
CA MET A 24 2.87 5.42 -29.54
C MET A 24 3.75 4.84 -28.43
N THR A 25 3.28 3.76 -27.80
CA THR A 25 4.17 3.12 -26.85
C THR A 25 5.26 2.35 -27.59
N SER A 26 6.28 1.98 -26.82
CA SER A 26 7.33 1.14 -27.37
C SER A 26 6.74 -0.15 -27.90
N GLN A 27 5.80 -0.72 -27.16
CA GLN A 27 5.14 -1.94 -27.58
C GLN A 27 4.48 -1.77 -28.94
N GLU A 28 3.73 -0.66 -29.12
CA GLU A 28 3.16 -0.36 -30.42
C GLU A 28 4.20 -0.07 -31.47
N ALA A 29 5.35 0.50 -31.08
CA ALA A 29 6.39 0.73 -32.08
C ALA A 29 6.90 -0.61 -32.61
N ALA A 30 7.09 -1.58 -31.71
CA ALA A 30 7.45 -2.94 -32.12
C ALA A 30 6.42 -3.52 -33.10
N CYS A 31 5.15 -3.46 -32.74
CA CYS A 31 4.18 -4.13 -33.60
C CYS A 31 3.93 -3.34 -34.90
N PHE A 32 4.15 -2.03 -34.89
CA PHE A 32 3.89 -1.18 -36.05
C PHE A 32 5.13 -0.44 -36.54
N PRO A 33 6.19 -1.16 -36.88
CA PRO A 33 7.43 -0.48 -37.28
C PRO A 33 7.28 0.35 -38.53
N ASP A 34 6.35 -0.01 -39.40
CA ASP A 34 6.12 0.82 -40.58
C ASP A 34 5.55 2.18 -40.21
N ILE A 35 4.89 2.28 -39.06
CA ILE A 35 4.33 3.55 -38.64
C ILE A 35 5.41 4.46 -38.07
N ILE A 36 6.24 3.94 -37.15
CA ILE A 36 7.25 4.78 -36.54
C ILE A 36 8.23 5.28 -37.59
N SER A 37 8.55 4.46 -38.57
CA SER A 37 9.49 4.86 -39.61
C SER A 37 8.81 5.60 -40.75
N GLY A 38 7.49 5.53 -40.86
CA GLY A 38 6.77 6.20 -41.92
C GLY A 38 6.52 7.66 -41.64
N PRO A 39 5.74 8.31 -42.50
CA PRO A 39 5.53 9.75 -42.33
C PRO A 39 4.81 10.01 -41.02
N GLN A 40 5.03 11.21 -40.49
CA GLN A 40 4.43 11.61 -39.22
C GLN A 40 2.91 11.64 -39.31
N GLN A 41 2.38 12.05 -40.46
CA GLN A 41 0.94 12.12 -40.64
C GLN A 41 0.26 10.78 -40.39
N THR A 42 0.83 9.70 -40.94
CA THR A 42 0.21 8.40 -40.74
C THR A 42 0.29 7.97 -39.27
N GLN A 43 1.34 8.35 -38.56
CA GLN A 43 1.39 8.03 -37.13
C GLN A 43 0.26 8.73 -36.39
N LYS A 44 -0.05 9.95 -36.78
CA LYS A 44 -1.15 10.66 -36.13
C LYS A 44 -2.49 9.99 -36.44
N VAL A 45 -2.63 9.48 -37.67
CA VAL A 45 -3.81 8.72 -38.06
C VAL A 45 -3.96 7.45 -37.24
N PHE A 46 -2.85 6.72 -37.10
CA PHE A 46 -2.81 5.54 -36.23
C PHE A 46 -3.38 5.85 -34.86
N LEU A 47 -2.89 6.90 -34.22
CA LEU A 47 -3.31 7.20 -32.85
C LEU A 47 -4.80 7.53 -32.79
N PHE A 48 -5.34 8.20 -33.80
CA PHE A 48 -6.78 8.44 -33.74
C PHE A 48 -7.54 7.14 -33.85
N ILE A 49 -7.13 6.25 -34.76
CA ILE A 49 -7.80 4.95 -34.84
C ILE A 49 -7.80 4.23 -33.49
N ARG A 50 -6.63 4.17 -32.86
CA ARG A 50 -6.52 3.47 -31.58
C ARG A 50 -7.44 4.07 -30.52
N ASN A 51 -7.38 5.39 -30.36
CA ASN A 51 -8.16 6.03 -29.31
C ASN A 51 -9.66 5.86 -29.53
N ARG A 52 -10.12 6.06 -30.76
CA ARG A 52 -11.54 5.92 -31.03
C ARG A 52 -12.01 4.48 -30.84
N THR A 53 -11.16 3.51 -31.19
CA THR A 53 -11.53 2.11 -30.98
C THR A 53 -11.68 1.79 -29.51
N LEU A 54 -10.76 2.30 -28.70
CA LEU A 54 -10.87 2.11 -27.27
C LEU A 54 -12.14 2.77 -26.74
N GLN A 55 -12.49 3.92 -27.29
CA GLN A 55 -13.70 4.60 -26.81
C GLN A 55 -14.93 3.78 -27.15
N LEU A 56 -14.98 3.26 -28.37
CA LEU A 56 -16.13 2.44 -28.72
C LEU A 56 -16.29 1.30 -27.75
N TRP A 57 -15.18 0.66 -27.37
CA TRP A 57 -15.28 -0.43 -26.39
C TRP A 57 -15.71 0.10 -25.02
N LEU A 58 -15.03 1.11 -24.52
CA LEU A 58 -15.26 1.61 -23.17
C LEU A 58 -16.63 2.22 -22.96
N ASP A 59 -17.21 2.82 -24.02
CA ASP A 59 -18.56 3.35 -23.90
C ASP A 59 -19.59 2.25 -23.73
N ASN A 60 -19.27 1.03 -24.14
CA ASN A 60 -20.19 -0.09 -23.99
C ASN A 60 -19.43 -1.40 -23.92
N PRO A 61 -18.82 -1.69 -22.77
CA PRO A 61 -18.04 -2.91 -22.63
C PRO A 61 -18.88 -4.14 -22.37
N LYS A 62 -20.21 -4.04 -22.44
CA LYS A 62 -21.00 -5.23 -22.18
C LYS A 62 -21.18 -6.09 -23.40
N ILE A 63 -20.79 -5.61 -24.58
CA ILE A 63 -20.89 -6.41 -25.78
C ILE A 63 -19.53 -6.40 -26.46
N GLN A 64 -19.23 -7.48 -27.17
CA GLN A 64 -18.01 -7.56 -27.94
C GLN A 64 -17.94 -6.46 -28.99
N LEU A 65 -16.78 -5.80 -29.06
CA LEU A 65 -16.50 -4.83 -30.10
C LEU A 65 -15.79 -5.53 -31.24
N THR A 66 -16.48 -5.73 -32.35
CA THR A 66 -15.88 -6.40 -33.48
C THR A 66 -15.19 -5.41 -34.39
N PHE A 67 -14.37 -5.95 -35.29
CA PHE A 67 -13.75 -5.17 -36.33
C PHE A 67 -14.79 -4.47 -37.18
N GLU A 68 -15.81 -5.23 -37.61
CA GLU A 68 -16.84 -4.67 -38.45
C GLU A 68 -17.51 -3.48 -37.78
N ALA A 69 -17.84 -3.62 -36.50
CA ALA A 69 -18.55 -2.54 -35.82
C ALA A 69 -17.67 -1.34 -35.57
N THR A 70 -16.38 -1.58 -35.37
CA THR A 70 -15.43 -0.50 -35.32
C THR A 70 -15.38 0.25 -36.64
N LEU A 71 -15.26 -0.49 -37.74
CA LEU A 71 -15.20 0.16 -39.03
C LEU A 71 -16.47 0.94 -39.27
N GLN A 72 -17.61 0.39 -38.87
CA GLN A 72 -18.86 1.06 -39.12
C GLN A 72 -19.03 2.33 -38.29
N GLN A 73 -18.36 2.46 -37.16
CA GLN A 73 -18.58 3.62 -36.31
C GLN A 73 -17.48 4.66 -36.42
N LEU A 74 -16.50 4.42 -37.27
CA LEU A 74 -15.52 5.45 -37.59
C LEU A 74 -16.08 6.41 -38.62
N GLU A 75 -15.90 7.70 -38.38
CA GLU A 75 -16.30 8.71 -39.35
C GLU A 75 -15.28 8.78 -40.46
N ALA A 76 -15.71 9.21 -41.64
CA ALA A 76 -14.78 9.50 -42.72
C ALA A 76 -13.72 10.49 -42.24
N PRO A 77 -12.44 10.34 -42.65
CA PRO A 77 -11.81 9.41 -43.59
C PRO A 77 -11.31 8.12 -42.97
N TYR A 78 -11.53 8.00 -41.66
CA TYR A 78 -10.92 6.90 -40.93
C TYR A 78 -11.55 5.58 -41.29
N ASN A 79 -12.84 5.57 -41.60
CA ASN A 79 -13.47 4.34 -42.05
C ASN A 79 -13.05 3.95 -43.45
N SER A 80 -12.09 4.67 -44.03
CA SER A 80 -11.62 4.35 -45.37
C SER A 80 -10.34 3.53 -45.37
N ASP A 81 -9.49 3.62 -44.33
CA ASP A 81 -8.26 2.82 -44.28
C ASP A 81 -8.57 1.52 -43.54
N THR A 82 -9.26 0.64 -44.27
CA THR A 82 -9.74 -0.61 -43.70
C THR A 82 -8.61 -1.50 -43.19
N VAL A 83 -7.50 -1.56 -43.91
CA VAL A 83 -6.43 -2.45 -43.50
C VAL A 83 -5.84 -2.00 -42.18
N LEU A 84 -5.63 -0.69 -42.04
CA LEU A 84 -5.05 -0.16 -40.83
C LEU A 84 -6.01 -0.30 -39.66
N VAL A 85 -7.29 -0.02 -39.91
CA VAL A 85 -8.30 -0.21 -38.86
C VAL A 85 -8.24 -1.63 -38.33
N HIS A 86 -8.19 -2.61 -39.24
CA HIS A 86 -8.11 -3.99 -38.81
C HIS A 86 -6.83 -4.27 -38.03
N ARG A 87 -5.69 -3.79 -38.52
CA ARG A 87 -4.44 -4.01 -37.80
C ARG A 87 -4.54 -3.50 -36.38
N VAL A 88 -5.13 -2.32 -36.20
CA VAL A 88 -5.20 -1.73 -34.88
C VAL A 88 -6.17 -2.50 -34.01
N HIS A 89 -7.35 -2.84 -34.57
CA HIS A 89 -8.33 -3.60 -33.82
C HIS A 89 -7.71 -4.90 -33.35
N SER A 90 -7.01 -5.59 -34.26
CA SER A 90 -6.41 -6.87 -33.96
C SER A 90 -5.41 -6.74 -32.84
N TYR A 91 -4.60 -5.67 -32.89
CA TYR A 91 -3.59 -5.48 -31.86
C TYR A 91 -4.25 -5.26 -30.50
N LEU A 92 -5.20 -4.33 -30.45
CA LEU A 92 -5.89 -4.06 -29.20
C LEU A 92 -6.57 -5.29 -28.62
N GLU A 93 -7.20 -6.09 -29.48
CA GLU A 93 -7.87 -7.28 -29.00
C GLU A 93 -6.88 -8.27 -28.42
N ARG A 94 -5.76 -8.48 -29.11
CA ARG A 94 -4.79 -9.46 -28.65
C ARG A 94 -4.21 -9.10 -27.29
N HIS A 95 -4.04 -7.82 -27.03
CA HIS A 95 -3.46 -7.40 -25.77
C HIS A 95 -4.54 -7.13 -24.69
N GLY A 96 -5.79 -7.53 -24.93
CA GLY A 96 -6.81 -7.33 -23.93
C GLY A 96 -7.16 -5.90 -23.65
N LEU A 97 -6.89 -5.00 -24.59
CA LEU A 97 -7.33 -3.64 -24.35
C LEU A 97 -8.77 -3.42 -24.76
N ILE A 98 -9.30 -4.28 -25.62
CA ILE A 98 -10.73 -4.38 -25.86
C ILE A 98 -11.09 -5.84 -25.74
N ASN A 99 -12.39 -6.11 -25.70
CA ASN A 99 -12.91 -7.47 -25.54
C ASN A 99 -12.15 -8.25 -24.48
N PHE A 100 -12.07 -7.66 -23.29
CA PHE A 100 -11.58 -8.36 -22.11
C PHE A 100 -12.70 -8.35 -21.09
N GLY A 101 -12.57 -9.19 -20.07
CA GLY A 101 -13.59 -9.24 -19.04
C GLY A 101 -14.72 -10.14 -19.48
N ILE A 102 -15.98 -9.81 -19.18
CA ILE A 102 -17.11 -10.65 -19.57
C ILE A 102 -18.10 -9.81 -20.38
N TYR A 103 -18.44 -10.31 -21.57
CA TYR A 103 -19.24 -9.56 -22.54
C TYR A 103 -19.99 -10.53 -23.44
N LYS A 104 -21.04 -10.03 -24.09
CA LYS A 104 -21.78 -10.89 -25.01
C LYS A 104 -20.97 -11.09 -26.28
N ARG A 105 -20.70 -12.32 -26.64
CA ARG A 105 -19.98 -12.61 -27.86
C ARG A 105 -20.94 -12.44 -29.03
N ILE A 106 -20.50 -11.75 -30.07
CA ILE A 106 -21.25 -11.75 -31.31
C ILE A 106 -20.93 -12.96 -32.16
N LYS A 107 -19.65 -13.17 -32.42
CA LYS A 107 -19.15 -14.36 -33.06
C LYS A 107 -19.08 -15.47 -32.01
N PRO A 108 -19.89 -16.53 -32.10
CA PRO A 108 -19.79 -17.62 -31.12
C PRO A 108 -18.39 -18.23 -31.12
N LEU A 109 -18.10 -19.01 -30.07
CA LEU A 109 -16.74 -19.49 -29.90
C LEU A 109 -16.42 -20.49 -31.01
N PRO A 110 -15.19 -20.47 -31.53
CA PRO A 110 -14.85 -21.45 -32.57
C PRO A 110 -14.97 -22.86 -32.02
N THR A 111 -15.59 -23.71 -32.82
CA THR A 111 -15.93 -25.04 -32.36
C THR A 111 -14.70 -25.94 -32.36
N LYS A 112 -13.80 -25.74 -33.33
CA LYS A 112 -12.50 -26.41 -33.32
C LYS A 112 -11.47 -25.49 -32.68
N LYS A 113 -10.76 -26.02 -31.67
CA LYS A 113 -9.78 -25.32 -30.83
C LYS A 113 -8.34 -25.44 -31.35
N THR A 114 -7.41 -24.75 -30.69
CA THR A 114 -6.01 -24.72 -31.13
C THR A 114 -5.11 -24.60 -29.90
N GLY A 115 -4.45 -25.70 -29.53
CA GLY A 115 -3.60 -25.69 -28.35
C GLY A 115 -4.33 -25.96 -27.06
N LYS A 116 -3.73 -26.69 -26.14
CA LYS A 116 -4.32 -26.98 -24.84
C LYS A 116 -3.49 -26.24 -23.79
N VAL A 117 -4.14 -25.37 -23.04
CA VAL A 117 -3.52 -24.63 -21.95
C VAL A 117 -4.18 -25.05 -20.64
N ILE A 118 -3.34 -25.43 -19.69
CA ILE A 118 -3.73 -25.62 -18.29
C ILE A 118 -3.37 -24.37 -17.52
N ILE A 119 -4.35 -23.80 -16.86
CA ILE A 119 -4.14 -22.68 -15.97
C ILE A 119 -4.22 -23.19 -14.54
N ILE A 120 -3.16 -22.96 -13.78
CA ILE A 120 -3.14 -23.34 -12.38
C ILE A 120 -3.68 -22.17 -11.60
N GLY A 121 -4.80 -22.39 -10.92
CA GLY A 121 -5.35 -21.35 -10.10
C GLY A 121 -6.45 -20.58 -10.78
N SER A 122 -7.54 -20.40 -10.04
CA SER A 122 -8.73 -19.72 -10.54
C SER A 122 -8.96 -18.40 -9.81
N GLY A 123 -7.89 -17.67 -9.50
CA GLY A 123 -8.00 -16.30 -9.04
C GLY A 123 -8.24 -15.37 -10.21
N VAL A 124 -8.14 -14.06 -9.92
CA VAL A 124 -8.47 -13.09 -10.97
C VAL A 124 -7.51 -13.22 -12.13
N SER A 125 -6.25 -13.50 -11.84
CA SER A 125 -5.30 -13.61 -12.94
C SER A 125 -5.60 -14.84 -13.78
N GLY A 126 -5.83 -15.99 -13.14
CA GLY A 126 -6.19 -17.16 -13.92
C GLY A 126 -7.50 -17.00 -14.69
N LEU A 127 -8.51 -16.41 -14.06
CA LEU A 127 -9.80 -16.24 -14.76
C LEU A 127 -9.66 -15.30 -15.94
N ALA A 128 -8.93 -14.20 -15.76
CA ALA A 128 -8.79 -13.22 -16.81
C ALA A 128 -8.09 -13.83 -18.00
N ALA A 129 -7.03 -14.58 -17.74
CA ALA A 129 -6.34 -15.24 -18.83
C ALA A 129 -7.23 -16.27 -19.50
N ALA A 130 -7.96 -17.06 -18.71
CA ALA A 130 -8.80 -18.10 -19.28
C ALA A 130 -9.82 -17.52 -20.24
N ARG A 131 -10.47 -16.42 -19.84
CA ARG A 131 -11.47 -15.85 -20.73
C ARG A 131 -10.81 -15.35 -22.00
N GLN A 132 -9.61 -14.77 -21.90
CA GLN A 132 -8.93 -14.37 -23.13
C GLN A 132 -8.64 -15.56 -24.03
N LEU A 133 -7.94 -16.54 -23.49
CA LEU A 133 -7.54 -17.69 -24.28
C LEU A 133 -8.75 -18.42 -24.88
N GLN A 134 -9.86 -18.45 -24.16
CA GLN A 134 -11.06 -19.08 -24.68
C GLN A 134 -11.63 -18.25 -25.82
N SER A 135 -11.63 -16.93 -25.66
CA SER A 135 -12.04 -16.07 -26.77
C SER A 135 -11.15 -16.26 -27.98
N PHE A 136 -9.87 -16.49 -27.77
CA PHE A 136 -8.94 -16.67 -28.88
C PHE A 136 -9.06 -18.03 -29.53
N GLY A 137 -9.95 -18.90 -29.04
CA GLY A 137 -10.19 -20.19 -29.65
C GLY A 137 -9.35 -21.33 -29.13
N MET A 138 -8.83 -21.24 -27.93
CA MET A 138 -8.02 -22.31 -27.36
C MET A 138 -8.80 -23.17 -26.37
N ASP A 139 -8.26 -24.34 -26.09
CA ASP A 139 -8.83 -25.28 -25.11
C ASP A 139 -8.17 -24.98 -23.77
N VAL A 140 -8.94 -24.43 -22.85
CA VAL A 140 -8.42 -23.92 -21.58
C VAL A 140 -9.10 -24.72 -20.48
N THR A 141 -8.31 -25.18 -19.53
CA THR A 141 -8.84 -25.82 -18.34
C THR A 141 -8.12 -25.23 -17.15
N LEU A 142 -8.90 -24.80 -16.17
CA LEU A 142 -8.35 -24.30 -14.92
C LEU A 142 -8.37 -25.39 -13.87
N LEU A 143 -7.25 -25.58 -13.20
CA LEU A 143 -7.18 -26.45 -12.03
C LEU A 143 -7.06 -25.57 -10.79
N GLU A 144 -7.99 -25.71 -9.86
CA GLU A 144 -8.13 -24.87 -8.67
C GLU A 144 -8.23 -25.72 -7.43
N ALA A 145 -7.34 -25.46 -6.45
CA ALA A 145 -7.29 -26.31 -5.27
C ALA A 145 -8.47 -26.08 -4.34
N ARG A 146 -8.99 -24.86 -4.28
CA ARG A 146 -10.06 -24.57 -3.35
C ARG A 146 -11.38 -25.14 -3.88
N ASP A 147 -12.42 -25.09 -3.05
CA ASP A 147 -13.77 -25.45 -3.51
C ASP A 147 -14.50 -24.25 -4.11
N ARG A 148 -13.78 -23.24 -4.55
CA ARG A 148 -14.41 -22.02 -5.01
C ARG A 148 -13.42 -21.26 -5.88
N VAL A 149 -13.94 -20.38 -6.72
CA VAL A 149 -13.08 -19.50 -7.48
C VAL A 149 -12.77 -18.25 -6.68
N GLY A 150 -11.89 -17.41 -7.21
CA GLY A 150 -11.62 -16.08 -6.72
C GLY A 150 -10.27 -15.95 -6.01
N GLY A 151 -9.75 -17.04 -5.46
CA GLY A 151 -8.48 -17.01 -4.76
C GLY A 151 -8.47 -16.00 -3.66
N ARG A 152 -7.66 -14.95 -3.79
CA ARG A 152 -7.55 -13.93 -2.76
C ARG A 152 -8.66 -12.88 -2.83
N VAL A 153 -9.60 -13.06 -3.75
CA VAL A 153 -10.93 -12.48 -3.68
C VAL A 153 -11.86 -13.50 -3.04
N ALA A 154 -12.36 -13.18 -1.84
CA ALA A 154 -13.10 -14.15 -1.05
C ALA A 154 -14.20 -13.43 -0.28
N THR A 155 -15.46 -13.71 -0.62
CA THR A 155 -16.59 -13.04 0.01
C THR A 155 -17.34 -14.03 0.89
N PHE A 156 -17.43 -13.71 2.17
CA PHE A 156 -18.28 -14.36 3.16
C PHE A 156 -19.75 -13.92 3.11
N ARG A 157 -20.68 -14.87 3.08
CA ARG A 157 -22.12 -14.60 3.09
C ARG A 157 -22.80 -15.57 4.03
N LYS A 158 -23.63 -15.00 4.91
CA LYS A 158 -24.36 -15.78 5.92
C LYS A 158 -25.47 -14.86 6.40
N GLY A 159 -26.69 -15.34 6.29
CA GLY A 159 -27.88 -14.56 6.54
C GLY A 159 -27.91 -13.37 5.62
N ASN A 160 -28.25 -12.21 6.14
CA ASN A 160 -28.21 -11.03 5.30
C ASN A 160 -26.86 -10.36 5.28
N TYR A 161 -25.86 -10.94 5.95
CA TYR A 161 -24.52 -10.38 6.04
C TYR A 161 -23.69 -10.78 4.82
N VAL A 162 -23.00 -9.80 4.23
CA VAL A 162 -22.04 -9.98 3.13
C VAL A 162 -20.79 -9.17 3.49
N ALA A 163 -19.61 -9.79 3.42
CA ALA A 163 -18.33 -9.16 3.78
C ALA A 163 -17.12 -9.80 3.10
N ASP A 164 -16.21 -8.99 2.56
CA ASP A 164 -15.04 -9.52 1.87
C ASP A 164 -13.90 -9.85 2.84
N LEU A 165 -13.41 -11.09 2.77
CA LEU A 165 -12.27 -11.58 3.54
C LEU A 165 -10.94 -11.38 2.87
N GLY A 166 -10.88 -11.23 1.55
CA GLY A 166 -9.63 -10.91 0.89
C GLY A 166 -9.58 -9.48 0.39
N ALA A 167 -9.26 -9.32 -0.89
CA ALA A 167 -9.42 -8.02 -1.53
C ALA A 167 -10.84 -7.49 -1.36
N MET A 168 -10.97 -6.16 -1.44
CA MET A 168 -12.12 -5.42 -0.92
C MET A 168 -12.26 -3.97 -1.42
N VAL A 169 -11.16 -3.35 -1.85
CA VAL A 169 -11.18 -1.97 -2.34
C VAL A 169 -10.84 -1.94 -3.83
N VAL A 170 -11.59 -1.13 -4.57
CA VAL A 170 -11.18 -0.68 -5.89
C VAL A 170 -10.51 0.67 -5.69
N THR A 171 -9.28 0.80 -6.13
CA THR A 171 -8.57 2.07 -6.01
C THR A 171 -9.16 2.93 -7.11
N GLY A 172 -8.64 4.10 -7.40
CA GLY A 172 -9.35 4.95 -8.37
C GLY A 172 -9.86 4.34 -9.69
N LEU A 173 -11.03 4.75 -10.19
CA LEU A 173 -11.50 4.16 -11.44
C LEU A 173 -10.78 4.73 -12.66
N GLY A 174 -10.16 5.91 -12.55
CA GLY A 174 -9.52 6.50 -13.71
C GLY A 174 -8.27 5.77 -14.15
N GLY A 175 -8.34 5.10 -15.31
CA GLY A 175 -7.25 4.25 -15.74
C GLY A 175 -7.37 2.81 -15.30
N ASN A 176 -8.34 2.50 -14.44
CA ASN A 176 -8.40 1.21 -13.78
C ASN A 176 -9.19 0.22 -14.63
N PRO A 177 -8.61 -0.92 -15.05
CA PRO A 177 -9.42 -1.86 -15.84
C PRO A 177 -10.57 -2.42 -15.07
N MET A 178 -10.55 -2.34 -13.75
CA MET A 178 -11.68 -2.81 -12.98
C MET A 178 -12.91 -1.95 -13.22
N ALA A 179 -12.70 -0.73 -13.73
CA ALA A 179 -13.85 0.10 -14.07
C ALA A 179 -14.69 -0.56 -15.16
N VAL A 180 -14.03 -1.22 -16.09
CA VAL A 180 -14.74 -1.95 -17.13
C VAL A 180 -15.46 -3.12 -16.51
N VAL A 181 -14.74 -3.85 -15.67
CA VAL A 181 -15.34 -5.03 -15.10
C VAL A 181 -16.54 -4.62 -14.24
N SER A 182 -16.44 -3.46 -13.56
CA SER A 182 -17.59 -2.99 -12.79
C SER A 182 -18.83 -2.86 -13.67
N LYS A 183 -18.70 -2.22 -14.83
CA LYS A 183 -19.83 -2.09 -15.75
C LYS A 183 -20.33 -3.45 -16.23
N GLN A 184 -19.41 -4.37 -16.50
CA GLN A 184 -19.80 -5.66 -17.06
C GLN A 184 -20.54 -6.53 -16.07
N VAL A 185 -20.04 -6.55 -14.84
CA VAL A 185 -20.53 -7.43 -13.80
C VAL A 185 -21.63 -6.81 -12.94
N ASN A 186 -21.78 -5.49 -12.97
CA ASN A 186 -22.71 -4.80 -12.09
C ASN A 186 -22.24 -4.80 -10.65
N MET A 187 -20.98 -4.48 -10.43
CA MET A 187 -20.58 -4.28 -9.06
C MET A 187 -21.21 -3.00 -8.52
N GLU A 188 -21.72 -3.09 -7.30
CA GLU A 188 -22.17 -1.93 -6.54
C GLU A 188 -20.95 -1.35 -5.84
N LEU A 189 -20.45 -0.23 -6.34
CA LEU A 189 -19.33 0.45 -5.70
C LEU A 189 -19.78 1.59 -4.81
N ALA A 190 -19.02 1.81 -3.74
CA ALA A 190 -19.35 2.87 -2.80
C ALA A 190 -18.11 3.60 -2.31
N LYS A 191 -18.09 4.93 -2.49
CA LYS A 191 -16.94 5.75 -2.10
C LYS A 191 -16.74 5.68 -0.59
N ILE A 192 -15.47 5.67 -0.17
CA ILE A 192 -15.09 5.63 1.23
C ILE A 192 -14.94 7.04 1.79
N LYS A 193 -15.61 7.33 2.90
CA LYS A 193 -15.38 8.63 3.53
C LYS A 193 -14.03 8.61 4.24
N GLN A 194 -13.29 9.72 4.12
CA GLN A 194 -11.90 9.69 4.51
C GLN A 194 -11.63 10.02 5.98
N LYS A 195 -12.58 10.62 6.68
CA LYS A 195 -12.43 10.87 8.11
C LYS A 195 -12.15 9.55 8.86
N CYS A 196 -11.15 9.54 9.73
CA CYS A 196 -10.75 8.32 10.45
C CYS A 196 -10.29 8.66 11.86
N PRO A 197 -11.23 8.77 12.78
CA PRO A 197 -10.90 9.10 14.18
C PRO A 197 -10.10 8.01 14.86
N LEU A 198 -9.21 8.44 15.73
CA LEU A 198 -8.34 7.53 16.46
C LEU A 198 -8.78 7.48 17.93
N TYR A 199 -8.67 6.31 18.55
CA TYR A 199 -8.96 6.15 19.97
C TYR A 199 -7.76 5.51 20.64
N GLU A 200 -7.34 6.10 21.75
CA GLU A 200 -6.24 5.53 22.48
C GLU A 200 -6.68 4.23 23.13
N ALA A 201 -5.69 3.47 23.60
CA ALA A 201 -5.96 2.13 24.12
C ALA A 201 -6.93 2.12 25.30
N ASN A 202 -7.06 3.23 26.02
CA ASN A 202 -8.08 3.31 27.06
C ASN A 202 -9.45 3.64 26.51
N GLY A 203 -9.58 3.71 25.18
CA GLY A 203 -10.85 4.05 24.57
C GLY A 203 -11.10 5.53 24.45
N GLN A 204 -10.26 6.38 25.05
CA GLN A 204 -10.39 7.82 24.91
C GLN A 204 -10.10 8.21 23.47
N ALA A 205 -10.86 9.17 22.96
CA ALA A 205 -10.59 9.70 21.64
C ALA A 205 -9.27 10.45 21.61
N VAL A 206 -8.52 10.28 20.51
CA VAL A 206 -7.37 11.14 20.29
C VAL A 206 -7.87 12.54 19.98
N PRO A 207 -7.43 13.54 20.73
CA PRO A 207 -7.76 14.94 20.39
C PRO A 207 -7.27 15.32 19.00
N LYS A 208 -7.99 16.26 18.39
CA LYS A 208 -7.67 16.65 17.02
C LYS A 208 -6.24 17.13 16.88
N GLU A 209 -5.78 17.97 17.81
CA GLU A 209 -4.44 18.54 17.67
C GLU A 209 -3.39 17.47 17.70
N LYS A 210 -3.57 16.48 18.57
CA LYS A 210 -2.58 15.41 18.64
C LYS A 210 -2.66 14.56 17.39
N ASP A 211 -3.88 14.27 16.91
CA ASP A 211 -4.07 13.56 15.65
C ASP A 211 -3.29 14.23 14.52
N GLU A 212 -3.49 15.54 14.38
CA GLU A 212 -2.85 16.30 13.32
C GLU A 212 -1.35 16.44 13.51
N MET A 213 -0.92 16.73 14.73
CA MET A 213 0.50 16.87 15.01
C MET A 213 1.25 15.60 14.65
N VAL A 214 0.72 14.47 15.09
CA VAL A 214 1.46 13.23 14.87
C VAL A 214 1.43 12.89 13.39
N GLU A 215 0.28 13.04 12.73
CA GLU A 215 0.21 12.71 11.30
C GLU A 215 1.19 13.55 10.49
N GLN A 216 1.25 14.86 10.76
CA GLN A 216 2.18 15.69 10.00
C GLN A 216 3.62 15.29 10.26
N GLU A 217 3.94 14.91 11.49
CA GLU A 217 5.29 14.44 11.77
C GLU A 217 5.59 13.11 11.06
N PHE A 218 4.60 12.22 10.98
CA PHE A 218 4.72 10.98 10.23
C PHE A 218 5.06 11.28 8.77
N ASN A 219 4.33 12.20 8.16
CA ASN A 219 4.63 12.56 6.78
C ASN A 219 6.06 13.09 6.65
N ARG A 220 6.49 13.90 7.63
CA ARG A 220 7.83 14.48 7.60
C ARG A 220 8.91 13.41 7.69
N LEU A 221 8.78 12.51 8.68
CA LEU A 221 9.75 11.44 8.83
C LEU A 221 9.89 10.60 7.58
N LEU A 222 8.77 10.26 6.96
CA LEU A 222 8.81 9.39 5.80
C LEU A 222 9.44 10.10 4.61
N GLU A 223 9.08 11.37 4.39
CA GLU A 223 9.72 12.11 3.32
C GLU A 223 11.21 12.18 3.55
N ALA A 224 11.62 12.19 4.83
CA ALA A 224 13.04 12.26 5.14
C ALA A 224 13.76 10.97 4.76
N THR A 225 13.12 9.84 4.98
CA THR A 225 13.70 8.58 4.53
C THR A 225 13.85 8.56 3.03
N SER A 226 12.85 9.09 2.32
CA SER A 226 12.96 9.10 0.86
C SER A 226 14.08 10.03 0.39
N TYR A 227 14.36 11.11 1.12
CA TYR A 227 15.50 11.98 0.77
C TYR A 227 16.81 11.25 1.03
N LEU A 228 16.92 10.65 2.21
CA LEU A 228 18.03 9.78 2.56
C LEU A 228 18.34 8.77 1.46
N SER A 229 17.30 8.12 0.95
CA SER A 229 17.47 7.07 -0.02
C SER A 229 17.86 7.62 -1.37
N HIS A 230 17.08 8.57 -1.90
CA HIS A 230 17.12 8.93 -3.30
C HIS A 230 17.87 10.22 -3.59
N GLN A 231 18.31 10.94 -2.57
CA GLN A 231 19.25 12.04 -2.78
C GLN A 231 20.64 11.73 -2.25
N LEU A 232 20.72 11.12 -1.09
CA LEU A 232 21.96 10.82 -0.42
C LEU A 232 22.50 9.44 -0.74
N ASP A 233 21.74 8.59 -1.44
CA ASP A 233 22.18 7.25 -1.82
C ASP A 233 22.67 6.48 -0.61
N PHE A 234 21.88 6.57 0.47
CA PHE A 234 22.10 5.76 1.66
C PHE A 234 21.29 4.48 1.54
N ASN A 235 21.76 3.62 0.66
CA ASN A 235 21.01 2.41 0.39
C ASN A 235 21.66 1.10 0.81
N VAL A 236 22.95 1.08 1.03
CA VAL A 236 23.66 -0.12 1.47
C VAL A 236 24.40 0.25 2.73
N LEU A 237 24.31 -0.61 3.75
CA LEU A 237 25.01 -0.30 4.99
C LEU A 237 25.60 -1.55 5.61
N ASN A 238 26.92 -1.51 5.87
CA ASN A 238 27.59 -2.65 6.46
C ASN A 238 27.29 -3.91 5.64
N ASN A 239 27.39 -3.74 4.32
CA ASN A 239 27.17 -4.77 3.33
C ASN A 239 25.71 -5.27 3.31
N LYS A 240 24.78 -4.55 3.95
CA LYS A 240 23.38 -5.00 3.89
C LYS A 240 22.47 -3.96 3.25
N PRO A 241 21.46 -4.39 2.50
CA PRO A 241 20.42 -3.45 2.00
C PRO A 241 19.65 -2.83 3.16
N VAL A 242 19.43 -1.52 3.09
CA VAL A 242 18.67 -0.83 4.13
C VAL A 242 17.17 -1.05 4.01
N SER A 243 16.50 -1.27 5.15
CA SER A 243 15.05 -1.37 5.17
C SER A 243 14.44 -0.03 5.54
N LEU A 244 13.19 0.14 5.13
CA LEU A 244 12.41 1.30 5.53
C LEU A 244 12.33 1.43 7.04
N GLY A 245 12.15 0.33 7.75
CA GLY A 245 12.08 0.39 9.20
C GLY A 245 13.38 0.92 9.78
N GLN A 246 14.49 0.49 9.20
CA GLN A 246 15.79 0.91 9.66
C GLN A 246 15.96 2.41 9.47
N ALA A 247 15.61 2.91 8.29
CA ALA A 247 15.72 4.34 8.04
C ALA A 247 14.81 5.11 8.98
N LEU A 248 13.64 4.57 9.26
CA LEU A 248 12.74 5.25 10.19
C LEU A 248 13.33 5.36 11.58
N GLU A 249 14.00 4.30 12.05
CA GLU A 249 14.62 4.35 13.37
C GLU A 249 15.72 5.39 13.38
N VAL A 250 16.44 5.52 12.26
CA VAL A 250 17.51 6.49 12.16
C VAL A 250 16.97 7.92 12.21
N VAL A 251 15.91 8.20 11.47
CA VAL A 251 15.42 9.58 11.47
C VAL A 251 14.75 9.94 12.79
N ILE A 252 14.19 8.96 13.50
CA ILE A 252 13.65 9.28 14.81
C ILE A 252 14.78 9.52 15.81
N GLN A 253 15.86 8.73 15.70
CA GLN A 253 16.99 8.94 16.58
C GLN A 253 17.56 10.35 16.40
N LEU A 254 17.60 10.84 15.15
CA LEU A 254 18.14 12.18 14.96
C LEU A 254 17.21 13.25 15.52
N GLN A 255 15.91 13.06 15.39
CA GLN A 255 15.01 14.01 16.05
C GLN A 255 15.19 13.99 17.56
N GLU A 256 15.38 12.81 18.15
CA GLU A 256 15.55 12.75 19.59
C GLU A 256 16.84 13.44 20.01
N LYS A 257 17.92 13.22 19.25
CA LYS A 257 19.15 13.95 19.44
C LYS A 257 18.92 15.46 19.38
N HIS A 258 18.18 15.93 18.37
CA HIS A 258 17.94 17.36 18.25
C HIS A 258 17.21 17.92 19.47
N VAL A 259 16.20 17.19 19.94
CA VAL A 259 15.45 17.62 21.12
C VAL A 259 16.38 17.67 22.32
N LYS A 260 17.23 16.67 22.45
CA LYS A 260 18.11 16.64 23.60
C LYS A 260 19.09 17.81 23.53
N ASP A 261 19.49 18.19 22.31
CA ASP A 261 20.37 19.34 22.15
C ASP A 261 19.70 20.63 22.55
N GLU A 262 18.53 20.91 22.01
CA GLU A 262 17.89 22.16 22.40
C GLU A 262 17.62 22.18 23.89
N GLN A 263 17.36 21.01 24.49
CA GLN A 263 17.20 20.97 25.93
C GLN A 263 18.50 21.32 26.63
N ILE A 264 19.61 20.80 26.14
CA ILE A 264 20.90 21.11 26.75
C ILE A 264 21.23 22.58 26.60
N GLU A 265 21.13 23.12 25.38
CA GLU A 265 21.35 24.54 25.17
C GLU A 265 20.52 25.37 26.12
N HIS A 266 19.28 24.97 26.32
CA HIS A 266 18.40 25.75 27.17
C HIS A 266 18.85 25.66 28.63
N TRP A 267 19.22 24.46 29.09
CA TRP A 267 19.72 24.35 30.45
C TRP A 267 21.01 25.13 30.62
N LYS A 268 21.86 25.19 29.59
CA LYS A 268 23.08 25.98 29.68
C LYS A 268 22.76 27.46 29.85
N LYS A 269 21.77 27.95 29.10
CA LYS A 269 21.34 29.33 29.28
C LYS A 269 20.82 29.56 30.70
N ILE A 270 20.09 28.59 31.24
CA ILE A 270 19.56 28.72 32.59
C ILE A 270 20.72 28.83 33.58
N VAL A 271 21.65 27.87 33.51
CA VAL A 271 22.74 27.83 34.47
C VAL A 271 23.56 29.10 34.40
N LYS A 272 23.91 29.52 33.18
CA LYS A 272 24.70 30.74 33.04
C LYS A 272 23.99 31.95 33.65
N THR A 273 22.69 32.06 33.44
CA THR A 273 21.98 33.19 34.05
C THR A 273 21.98 33.08 35.58
N GLN A 274 21.83 31.88 36.11
CA GLN A 274 21.94 31.72 37.55
C GLN A 274 23.32 32.15 38.04
N GLU A 275 24.38 31.79 37.31
CA GLU A 275 25.73 32.14 37.72
C GLU A 275 25.92 33.65 37.71
N GLU A 276 25.38 34.31 36.68
CA GLU A 276 25.47 35.77 36.64
C GLU A 276 24.74 36.39 37.80
N LEU A 277 23.58 35.83 38.18
CA LEU A 277 22.88 36.39 39.33
C LEU A 277 23.68 36.17 40.62
N LYS A 278 24.21 34.97 40.83
CA LYS A 278 25.05 34.73 42.00
C LYS A 278 26.17 35.76 42.08
N GLU A 279 26.90 35.93 40.98
CA GLU A 279 28.01 36.88 40.93
C GLU A 279 27.53 38.30 41.20
N LEU A 280 26.45 38.70 40.52
CA LEU A 280 25.95 40.05 40.66
C LEU A 280 25.50 40.32 42.08
N LEU A 281 24.81 39.36 42.69
CA LEU A 281 24.35 39.55 44.07
C LEU A 281 25.53 39.66 45.02
N ASN A 282 26.56 38.82 44.84
CA ASN A 282 27.74 38.97 45.68
C ASN A 282 28.35 40.36 45.54
N LYS A 283 28.40 40.87 44.31
CA LYS A 283 28.97 42.20 44.09
C LYS A 283 28.08 43.28 44.70
N MET A 284 26.75 43.16 44.54
CA MET A 284 25.83 44.12 45.17
C MET A 284 25.96 44.08 46.68
N VAL A 285 26.16 42.88 47.24
CA VAL A 285 26.39 42.72 48.67
C VAL A 285 27.56 43.58 49.13
N ASN A 286 28.71 43.43 48.45
CA ASN A 286 29.87 44.20 48.89
C ASN A 286 29.67 45.69 48.68
N LEU A 287 28.87 46.09 47.68
CA LEU A 287 28.61 47.51 47.50
C LEU A 287 27.64 48.07 48.55
N LYS A 288 26.71 47.25 49.04
CA LYS A 288 25.89 47.65 50.18
C LYS A 288 26.78 47.87 51.40
N GLU A 289 27.68 46.92 51.69
CA GLU A 289 28.65 47.09 52.77
C GLU A 289 29.52 48.35 52.63
N LYS A 290 29.93 48.67 51.40
CA LYS A 290 30.74 49.85 51.10
C LYS A 290 29.93 51.13 51.32
N ILE A 291 28.64 51.09 51.01
CA ILE A 291 27.78 52.24 51.18
C ILE A 291 27.44 52.38 52.66
N LYS A 292 27.23 51.27 53.36
CA LYS A 292 27.07 51.30 54.80
C LYS A 292 28.25 51.99 55.48
N GLU A 293 29.46 51.77 54.96
CA GLU A 293 30.63 52.44 55.54
C GLU A 293 30.66 53.93 55.23
N LEU A 294 30.23 54.31 54.03
CA LEU A 294 30.23 55.75 53.75
C LEU A 294 29.06 56.44 54.46
N HIS A 295 27.88 55.81 54.46
CA HIS A 295 26.73 56.36 55.16
C HIS A 295 27.04 56.53 56.65
N GLN A 296 27.93 55.68 57.22
CA GLN A 296 28.33 55.89 58.60
C GLN A 296 29.36 57.02 58.75
N GLN A 297 30.29 57.16 57.80
CA GLN A 297 31.22 58.29 57.82
C GLN A 297 30.62 59.60 57.34
N TYR A 298 29.37 59.58 56.86
CA TYR A 298 28.57 60.77 56.54
C TYR A 298 27.85 61.43 57.70
N LYS A 299 27.61 60.74 58.82
CA LYS A 299 27.02 61.42 59.96
C LYS A 299 28.08 61.97 60.91
N GLU A 300 29.27 61.39 60.91
CA GLU A 300 30.42 61.92 61.64
C GLU A 300 30.71 63.37 61.28
N ALA A 301 30.30 63.81 60.08
CA ALA A 301 30.37 65.21 59.72
C ALA A 301 28.98 65.82 59.61
N ASP A 309 34.62 74.08 60.91
CA ASP A 309 35.87 73.92 60.19
C ASP A 309 35.55 74.01 58.67
N ILE A 310 36.53 74.50 57.89
CA ILE A 310 36.31 74.75 56.47
C ILE A 310 36.51 73.46 55.67
N THR A 311 37.57 72.72 56.00
CA THR A 311 37.80 71.41 55.42
C THR A 311 36.70 70.42 55.82
N ALA A 312 35.87 70.76 56.82
CA ALA A 312 34.75 69.92 57.24
C ALA A 312 33.48 70.27 56.46
N GLU A 313 33.22 71.57 56.29
CA GLU A 313 32.14 72.02 55.42
C GLU A 313 32.33 71.48 54.01
N PHE A 314 33.59 71.36 53.58
CA PHE A 314 33.91 70.72 52.30
C PHE A 314 34.01 69.19 52.39
N LEU A 315 34.13 68.64 53.61
CA LEU A 315 34.13 67.20 53.78
C LEU A 315 32.73 66.62 53.60
N VAL A 316 31.70 67.37 54.01
CA VAL A 316 30.34 66.88 53.81
C VAL A 316 29.98 66.87 52.32
N LYS A 317 30.28 67.95 51.60
CA LYS A 317 30.07 67.96 50.14
C LYS A 317 30.75 66.77 49.48
N SER A 318 31.98 66.45 49.90
CA SER A 318 32.71 65.35 49.28
C SER A 318 32.11 64.00 49.66
N LYS A 319 31.67 63.84 50.92
CA LYS A 319 31.09 62.58 51.33
C LYS A 319 29.70 62.38 50.75
N HIS A 320 28.97 63.46 50.47
CA HIS A 320 27.71 63.33 49.71
C HIS A 320 27.96 63.00 48.27
N ARG A 321 29.01 63.59 47.68
CA ARG A 321 29.37 63.24 46.32
C ARG A 321 29.77 61.76 46.22
N ASP A 322 30.46 61.26 47.24
CA ASP A 322 30.85 59.86 47.25
C ASP A 322 29.66 58.96 47.52
N LEU A 323 28.83 59.29 48.53
CA LEU A 323 27.69 58.45 48.88
C LEU A 323 26.77 58.31 47.69
N THR A 324 26.38 59.43 47.08
CA THR A 324 25.43 59.32 46.01
C THR A 324 26.08 58.78 44.73
N ALA A 325 27.42 58.71 44.66
CA ALA A 325 28.00 58.06 43.49
C ALA A 325 27.97 56.54 43.63
N LEU A 326 28.26 56.04 44.84
CA LEU A 326 28.07 54.61 45.10
C LEU A 326 26.60 54.21 44.97
N CYS A 327 25.68 55.09 45.37
CA CYS A 327 24.26 54.83 45.18
C CYS A 327 23.89 54.78 43.70
N LYS A 328 24.57 55.57 42.86
CA LYS A 328 24.33 55.44 41.41
C LYS A 328 24.89 54.14 40.84
N GLU A 329 26.02 53.68 41.37
CA GLU A 329 26.54 52.37 40.99
C GLU A 329 25.55 51.28 41.36
N TYR A 330 24.93 51.41 42.53
CA TYR A 330 24.06 50.36 43.04
C TYR A 330 22.72 50.35 42.30
N ASP A 331 22.16 51.52 42.01
CA ASP A 331 20.92 51.56 41.25
C ASP A 331 21.13 51.04 39.84
N GLU A 332 22.30 51.30 39.25
CA GLU A 332 22.57 50.77 37.92
C GLU A 332 22.78 49.26 37.94
N LEU A 333 23.35 48.75 39.03
CA LEU A 333 23.50 47.31 39.13
C LEU A 333 22.18 46.61 39.43
N ALA A 334 21.27 47.22 40.19
CA ALA A 334 19.95 46.61 40.34
C ALA A 334 19.13 46.73 39.06
N GLU A 335 19.56 47.62 38.15
CA GLU A 335 18.94 47.70 36.82
C GLU A 335 19.36 46.50 35.98
N THR A 336 20.64 46.13 36.09
CA THR A 336 21.05 44.90 35.42
C THR A 336 20.45 43.69 36.14
N GLN A 337 20.27 43.77 37.46
CA GLN A 337 19.67 42.66 38.19
C GLN A 337 18.29 42.37 37.68
N GLY A 338 17.52 43.42 37.36
CA GLY A 338 16.18 43.20 36.86
C GLY A 338 16.16 42.71 35.42
N LYS A 339 16.95 43.34 34.53
CA LYS A 339 16.98 42.86 33.16
C LYS A 339 17.55 41.44 33.02
N LEU A 340 18.21 40.92 34.06
CA LEU A 340 18.68 39.54 34.06
C LEU A 340 17.66 38.57 34.63
N GLU A 341 17.09 38.85 35.80
CA GLU A 341 16.14 37.91 36.38
C GLU A 341 14.80 37.97 35.68
N GLU A 342 14.68 38.94 34.75
CA GLU A 342 13.57 38.95 33.81
C GLU A 342 13.84 38.05 32.62
N LYS A 343 15.10 37.99 32.18
CA LYS A 343 15.53 36.96 31.24
C LYS A 343 15.40 35.55 31.84
N LEU A 344 15.77 35.39 33.12
CA LEU A 344 15.61 34.11 33.82
C LEU A 344 14.17 33.66 33.92
N GLN A 345 13.25 34.56 34.24
CA GLN A 345 11.89 34.08 34.49
C GLN A 345 11.26 33.51 33.21
N GLU A 346 11.43 34.20 32.08
CA GLU A 346 10.85 33.70 30.85
C GLU A 346 11.64 32.51 30.32
N LEU A 347 12.93 32.36 30.71
CA LEU A 347 13.63 31.16 30.30
C LEU A 347 13.07 29.93 31.02
N GLU A 348 12.80 30.04 32.33
CA GLU A 348 12.18 28.92 33.04
C GLU A 348 10.74 28.68 32.59
N ALA A 349 10.09 29.69 32.00
CA ALA A 349 8.72 29.51 31.55
C ALA A 349 8.57 29.02 30.10
N ASN A 350 9.63 29.08 29.26
CA ASN A 350 9.59 28.62 27.87
C ASN A 350 10.54 27.47 27.52
N PRO A 351 10.53 26.35 28.24
CA PRO A 351 11.37 25.20 27.86
C PRO A 351 11.04 24.73 26.45
N PRO A 352 12.06 24.35 25.67
CA PRO A 352 11.83 23.56 24.44
C PRO A 352 11.23 22.21 24.80
N SER A 353 10.87 21.40 23.78
CA SER A 353 10.18 20.17 24.10
C SER A 353 11.09 19.36 25.01
N ASP A 354 10.50 18.80 26.06
CA ASP A 354 11.23 17.90 26.93
C ASP A 354 11.66 16.62 26.19
N VAL A 355 10.77 16.07 25.36
CA VAL A 355 11.01 14.83 24.63
C VAL A 355 10.55 15.07 23.20
N TYR A 356 11.02 14.20 22.31
CA TYR A 356 10.54 14.24 20.94
C TYR A 356 9.10 13.80 20.86
N LEU A 357 8.80 12.62 21.41
CA LEU A 357 7.47 12.03 21.37
C LEU A 357 7.03 11.65 22.78
N SER A 358 5.93 12.20 23.23
CA SER A 358 5.37 11.67 24.46
C SER A 358 5.03 10.20 24.29
N SER A 359 4.87 9.51 25.42
CA SER A 359 4.52 8.09 25.36
C SER A 359 3.23 7.89 24.58
N ARG A 360 2.25 8.76 24.79
CA ARG A 360 1.02 8.69 24.04
C ARG A 360 1.26 9.10 22.60
N ASP A 361 2.04 10.16 22.39
CA ASP A 361 2.42 10.57 21.04
C ASP A 361 3.08 9.42 20.31
N ARG A 362 3.96 8.69 20.97
CA ARG A 362 4.63 7.57 20.33
C ARG A 362 3.64 6.48 19.94
N GLN A 363 2.75 6.11 20.85
CA GLN A 363 1.74 5.12 20.51
C GLN A 363 0.93 5.52 19.28
N ILE A 364 0.51 6.78 19.21
CA ILE A 364 -0.25 7.24 18.04
C ILE A 364 0.61 7.17 16.77
N LEU A 365 1.87 7.56 16.87
CA LEU A 365 2.73 7.44 15.70
C LEU A 365 2.84 5.99 15.27
N ASP A 366 2.89 5.06 16.24
CA ASP A 366 2.91 3.66 15.92
C ASP A 366 1.61 3.25 15.24
N TRP A 367 0.52 3.97 15.49
CA TRP A 367 -0.69 3.68 14.72
C TRP A 367 -0.48 3.98 13.25
N HIS A 368 0.13 5.12 12.94
CA HIS A 368 0.39 5.41 11.52
C HIS A 368 1.36 4.41 10.90
N PHE A 369 2.36 3.95 11.66
CA PHE A 369 3.23 2.91 11.15
C PHE A 369 2.44 1.63 10.87
N ALA A 370 1.56 1.25 11.78
CA ALA A 370 0.72 0.10 11.55
C ALA A 370 -0.06 0.28 10.26
N ASN A 371 -0.63 1.48 10.04
CA ASN A 371 -1.36 1.75 8.81
C ASN A 371 -0.51 1.48 7.57
N LEU A 372 0.76 1.82 7.66
CA LEU A 372 1.64 1.55 6.53
C LEU A 372 1.94 0.06 6.38
N GLU A 373 2.03 -0.67 7.51
CA GLU A 373 2.24 -2.12 7.48
C GLU A 373 0.99 -2.86 6.98
N PHE A 374 -0.17 -2.28 7.22
CA PHE A 374 -1.40 -2.75 6.60
C PHE A 374 -1.25 -2.60 5.08
N ALA A 375 -0.92 -1.39 4.63
CA ALA A 375 -0.83 -1.14 3.18
C ALA A 375 0.20 -2.04 2.48
N ASN A 376 1.30 -2.34 3.13
CA ASN A 376 2.29 -3.20 2.50
C ASN A 376 2.22 -4.63 2.95
N ALA A 377 1.37 -4.94 3.92
CA ALA A 377 1.20 -6.31 4.43
C ALA A 377 2.47 -6.86 5.06
N THR A 378 3.33 -6.05 5.66
CA THR A 378 4.57 -6.61 6.16
C THR A 378 5.21 -5.64 7.14
N PRO A 379 6.00 -6.12 8.10
CA PRO A 379 6.72 -5.20 8.97
C PRO A 379 7.61 -4.27 8.15
N LEU A 380 7.69 -3.01 8.58
CA LEU A 380 8.50 -2.02 7.88
C LEU A 380 9.97 -2.41 7.80
N SER A 381 10.45 -3.16 8.79
CA SER A 381 11.85 -3.57 8.74
C SER A 381 12.14 -4.54 7.61
N THR A 382 11.13 -5.00 6.89
CA THR A 382 11.35 -5.87 5.74
C THR A 382 11.30 -5.14 4.40
N LEU A 383 10.72 -3.96 4.33
CA LEU A 383 10.56 -3.29 3.06
C LEU A 383 11.88 -2.71 2.57
N SER A 384 12.11 -2.78 1.27
CA SER A 384 13.26 -2.12 0.67
C SER A 384 13.14 -0.62 0.84
N LEU A 385 14.15 0.00 1.45
CA LEU A 385 14.12 1.45 1.57
C LEU A 385 14.07 2.11 0.20
N LYS A 386 14.90 1.62 -0.73
CA LYS A 386 15.03 2.27 -2.02
C LYS A 386 13.85 2.05 -2.93
N HIS A 387 13.21 0.88 -2.86
CA HIS A 387 12.25 0.48 -3.90
C HIS A 387 10.86 0.13 -3.38
N TRP A 388 10.56 0.28 -2.09
CA TRP A 388 9.30 -0.21 -1.56
C TRP A 388 8.10 0.46 -2.20
N ASP A 389 8.25 1.66 -2.73
CA ASP A 389 7.12 2.33 -3.36
C ASP A 389 7.39 2.65 -4.82
N GLN A 390 8.14 1.79 -5.51
CA GLN A 390 8.53 2.06 -6.89
C GLN A 390 7.34 2.19 -7.81
N ASP A 391 6.18 1.69 -7.41
CA ASP A 391 4.97 1.68 -8.19
C ASP A 391 4.08 2.86 -7.90
N ASP A 392 4.56 3.82 -7.12
CA ASP A 392 3.75 4.96 -6.73
C ASP A 392 3.21 5.71 -7.94
N ASP A 393 4.04 5.85 -8.98
CA ASP A 393 3.81 6.64 -10.18
C ASP A 393 2.67 6.13 -11.04
N PHE A 394 2.07 4.99 -10.69
CA PHE A 394 1.01 4.36 -11.46
C PHE A 394 -0.36 4.39 -10.79
N GLU A 395 -0.51 5.10 -9.67
CA GLU A 395 -1.79 5.22 -9.00
C GLU A 395 -2.88 5.73 -9.92
N PHE A 396 -4.09 5.18 -9.77
CA PHE A 396 -5.21 5.64 -10.57
C PHE A 396 -5.77 6.95 -10.00
N THR A 397 -6.50 7.66 -10.82
CA THR A 397 -7.16 8.84 -10.31
C THR A 397 -8.58 8.48 -9.90
N GLY A 398 -9.12 9.28 -8.99
CA GLY A 398 -10.47 9.10 -8.49
C GLY A 398 -10.49 8.51 -7.09
N SER A 399 -11.66 8.59 -6.48
CA SER A 399 -11.80 8.08 -5.13
C SER A 399 -11.78 6.54 -5.12
N HIS A 400 -11.29 5.97 -4.02
CA HIS A 400 -11.38 4.53 -3.80
C HIS A 400 -12.79 4.10 -3.42
N LEU A 401 -13.14 2.85 -3.71
CA LEU A 401 -14.47 2.34 -3.45
C LEU A 401 -14.45 0.92 -2.89
N THR A 402 -15.58 0.52 -2.32
CA THR A 402 -15.79 -0.82 -1.82
C THR A 402 -16.95 -1.41 -2.61
N VAL A 403 -17.03 -2.72 -2.63
CA VAL A 403 -17.98 -3.48 -3.43
C VAL A 403 -19.15 -3.85 -2.53
N ARG A 404 -20.27 -3.13 -2.62
CA ARG A 404 -21.34 -3.35 -1.65
C ARG A 404 -21.93 -4.74 -1.79
N ASN A 405 -21.89 -5.33 -2.95
CA ASN A 405 -22.44 -6.67 -3.13
C ASN A 405 -21.38 -7.76 -3.04
N GLY A 406 -20.17 -7.44 -2.55
CA GLY A 406 -19.17 -8.49 -2.38
C GLY A 406 -18.25 -8.70 -3.56
N TYR A 407 -16.94 -8.63 -3.36
CA TYR A 407 -16.04 -8.67 -4.51
C TYR A 407 -16.06 -10.01 -5.24
N SER A 408 -16.51 -11.10 -4.60
CA SER A 408 -16.58 -12.37 -5.30
C SER A 408 -17.48 -12.31 -6.52
N CYS A 409 -18.36 -11.32 -6.61
CA CYS A 409 -19.16 -11.24 -7.81
C CYS A 409 -18.28 -11.13 -9.05
N VAL A 410 -17.09 -10.56 -8.91
CA VAL A 410 -16.24 -10.41 -10.08
C VAL A 410 -15.72 -11.77 -10.54
N PRO A 411 -14.97 -12.54 -9.74
CA PRO A 411 -14.46 -13.81 -10.27
C PRO A 411 -15.59 -14.79 -10.55
N VAL A 412 -16.69 -14.73 -9.79
CA VAL A 412 -17.82 -15.61 -10.09
C VAL A 412 -18.36 -15.31 -11.47
N ALA A 413 -18.48 -14.04 -11.81
CA ALA A 413 -18.94 -13.70 -13.15
C ALA A 413 -17.93 -14.15 -14.21
N LEU A 414 -16.66 -14.02 -13.92
CA LEU A 414 -15.63 -14.41 -14.88
C LEU A 414 -15.61 -15.91 -15.11
N ALA A 415 -16.06 -16.68 -14.11
CA ALA A 415 -16.08 -18.13 -14.18
C ALA A 415 -17.09 -18.69 -15.19
N GLU A 416 -18.05 -17.88 -15.65
CA GLU A 416 -19.15 -18.39 -16.46
C GLU A 416 -18.62 -19.06 -17.72
N GLY A 417 -18.93 -20.34 -17.90
CA GLY A 417 -18.57 -21.02 -19.11
C GLY A 417 -17.17 -21.58 -19.17
N LEU A 418 -16.37 -21.43 -18.13
CA LEU A 418 -15.01 -21.94 -18.18
C LEU A 418 -14.96 -23.38 -17.72
N ASP A 419 -14.02 -24.13 -18.27
CA ASP A 419 -13.76 -25.49 -17.82
C ASP A 419 -12.89 -25.41 -16.58
N ILE A 420 -13.53 -25.40 -15.41
CA ILE A 420 -12.86 -25.25 -14.14
C ILE A 420 -13.03 -26.50 -13.30
N LYS A 421 -11.92 -27.09 -12.89
CA LYS A 421 -11.93 -28.24 -11.99
C LYS A 421 -11.56 -27.75 -10.60
N LEU A 422 -12.54 -27.64 -9.71
CA LEU A 422 -12.32 -27.28 -8.33
C LEU A 422 -11.85 -28.48 -7.51
N ASN A 423 -11.39 -28.20 -6.29
CA ASN A 423 -10.91 -29.24 -5.37
C ASN A 423 -9.83 -30.06 -6.04
N THR A 424 -9.08 -29.42 -6.92
CA THR A 424 -8.09 -30.09 -7.74
C THR A 424 -6.77 -29.39 -7.52
N ALA A 425 -5.93 -30.00 -6.70
CA ALA A 425 -4.68 -29.39 -6.24
C ALA A 425 -3.50 -29.89 -7.09
N VAL A 426 -2.88 -29.00 -7.86
CA VAL A 426 -1.66 -29.33 -8.57
C VAL A 426 -0.55 -29.66 -7.56
N ARG A 427 0.14 -30.78 -7.78
CA ARG A 427 1.28 -31.21 -6.99
C ARG A 427 2.59 -31.18 -7.78
N GLN A 428 2.52 -31.36 -9.11
CA GLN A 428 3.69 -31.42 -9.98
C GLN A 428 3.39 -30.90 -11.39
N VAL A 429 4.35 -30.15 -11.92
CA VAL A 429 4.27 -29.53 -13.23
C VAL A 429 5.48 -29.98 -14.04
N ARG A 430 5.24 -30.73 -15.11
CA ARG A 430 6.30 -31.19 -16.00
C ARG A 430 6.19 -30.48 -17.33
N TYR A 431 7.32 -29.96 -17.80
CA TYR A 431 7.37 -29.22 -19.06
C TYR A 431 8.62 -29.64 -19.80
N THR A 432 8.45 -30.02 -21.06
CA THR A 432 9.55 -30.34 -21.95
C THR A 432 9.32 -29.62 -23.28
N ALA A 433 10.30 -29.73 -24.16
CA ALA A 433 10.17 -29.16 -25.49
C ALA A 433 9.07 -29.84 -26.31
N SER A 434 8.43 -30.89 -25.77
CA SER A 434 7.36 -31.59 -26.48
C SER A 434 5.96 -31.35 -25.89
N GLY A 435 5.83 -30.52 -24.87
CA GLY A 435 4.57 -30.27 -24.20
C GLY A 435 4.71 -30.42 -22.70
N CYS A 436 3.57 -30.40 -22.01
CA CYS A 436 3.55 -30.35 -20.56
C CYS A 436 2.57 -31.38 -20.00
N GLU A 437 2.83 -31.74 -18.74
CA GLU A 437 1.93 -32.55 -17.93
C GLU A 437 1.79 -31.92 -16.55
N VAL A 438 0.55 -31.71 -16.13
CA VAL A 438 0.24 -31.23 -14.78
C VAL A 438 -0.44 -32.36 -14.02
N ILE A 439 0.04 -32.63 -12.82
CA ILE A 439 -0.48 -33.71 -11.99
C ILE A 439 -1.12 -33.10 -10.76
N ALA A 440 -2.34 -33.55 -10.44
CA ALA A 440 -3.14 -32.97 -9.35
C ALA A 440 -3.87 -34.06 -8.56
N VAL A 441 -4.26 -33.72 -7.33
CA VAL A 441 -5.02 -34.64 -6.51
C VAL A 441 -6.33 -33.99 -6.10
N ASN A 442 -7.32 -34.86 -5.88
CA ASN A 442 -8.62 -34.46 -5.34
C ASN A 442 -8.44 -34.13 -3.86
N THR A 443 -8.76 -32.89 -3.48
CA THR A 443 -8.58 -32.49 -2.10
C THR A 443 -9.59 -33.17 -1.16
N ARG A 444 -10.70 -33.66 -1.69
CA ARG A 444 -11.64 -34.42 -0.86
C ARG A 444 -11.26 -35.89 -0.78
N SER A 445 -10.36 -36.37 -1.64
CA SER A 445 -9.93 -37.76 -1.65
C SER A 445 -8.53 -37.83 -2.28
N THR A 446 -7.49 -37.46 -1.53
CA THR A 446 -6.15 -37.29 -2.11
C THR A 446 -5.55 -38.57 -2.68
N SER A 447 -6.30 -39.66 -2.63
CA SER A 447 -5.93 -40.84 -3.40
C SER A 447 -6.18 -40.63 -4.89
N GLN A 448 -7.28 -39.96 -5.23
CA GLN A 448 -7.62 -39.75 -6.63
C GLN A 448 -6.61 -38.78 -7.26
N THR A 449 -5.97 -39.22 -8.34
CA THR A 449 -4.97 -38.47 -9.07
C THR A 449 -5.38 -38.19 -10.52
N PHE A 450 -4.91 -37.06 -11.04
CA PHE A 450 -5.22 -36.62 -12.40
C PHE A 450 -3.95 -36.20 -13.14
N ILE A 451 -3.90 -36.51 -14.43
CA ILE A 451 -2.80 -36.14 -15.33
C ILE A 451 -3.38 -35.34 -16.49
N TYR A 452 -2.99 -34.07 -16.61
CA TYR A 452 -3.42 -33.21 -17.69
C TYR A 452 -2.26 -32.95 -18.63
N LYS A 453 -2.38 -33.43 -19.86
CA LYS A 453 -1.43 -33.11 -20.91
C LYS A 453 -1.84 -31.80 -21.57
N CYS A 454 -0.86 -31.01 -21.98
CA CYS A 454 -1.19 -29.72 -22.57
C CYS A 454 0.02 -29.20 -23.31
N ASP A 455 -0.23 -28.15 -24.09
CA ASP A 455 0.87 -27.53 -24.81
C ASP A 455 1.51 -26.46 -23.97
N ALA A 456 0.74 -25.88 -23.05
CA ALA A 456 1.29 -24.80 -22.24
C ALA A 456 0.63 -24.77 -20.87
N VAL A 457 1.42 -24.41 -19.87
CA VAL A 457 0.94 -24.20 -18.52
C VAL A 457 1.11 -22.73 -18.18
N LEU A 458 0.04 -22.13 -17.67
CA LEU A 458 0.06 -20.80 -17.09
C LEU A 458 -0.02 -20.97 -15.58
N CYS A 459 1.04 -20.63 -14.88
CA CYS A 459 1.08 -20.76 -13.44
C CYS A 459 0.66 -19.44 -12.82
N THR A 460 -0.47 -19.44 -12.10
CA THR A 460 -0.86 -18.28 -11.32
C THR A 460 -0.77 -18.60 -9.83
N LEU A 461 0.00 -19.63 -9.47
CA LEU A 461 0.21 -19.95 -8.06
C LEU A 461 0.71 -18.70 -7.33
N PRO A 462 0.19 -18.41 -6.13
CA PRO A 462 0.70 -17.25 -5.38
C PRO A 462 2.17 -17.41 -5.05
N LEU A 463 2.85 -16.26 -4.89
CA LEU A 463 4.25 -16.27 -4.48
C LEU A 463 4.44 -17.09 -3.20
N GLY A 464 3.51 -16.93 -2.25
CA GLY A 464 3.58 -17.70 -1.00
C GLY A 464 3.65 -19.19 -1.24
N VAL A 465 2.91 -19.68 -2.23
CA VAL A 465 2.95 -21.10 -2.55
C VAL A 465 4.27 -21.46 -3.21
N LEU A 466 4.78 -20.56 -4.06
CA LEU A 466 6.07 -20.79 -4.71
C LEU A 466 7.23 -20.80 -3.72
N LYS A 467 7.12 -20.03 -2.65
CA LYS A 467 8.14 -19.95 -1.63
C LYS A 467 8.12 -21.14 -0.69
N GLN A 468 7.09 -21.97 -0.74
CA GLN A 468 6.88 -22.97 0.30
C GLN A 468 8.00 -24.01 0.29
N GLN A 469 8.54 -24.24 1.48
CA GLN A 469 9.55 -25.26 1.71
C GLN A 469 9.11 -26.15 2.86
N PRO A 470 9.07 -27.46 2.66
CA PRO A 470 9.29 -28.09 1.34
C PRO A 470 8.19 -27.72 0.30
N PRO A 471 8.52 -27.74 -1.00
CA PRO A 471 7.57 -27.20 -2.00
C PRO A 471 6.23 -27.94 -1.99
N ALA A 472 5.15 -27.17 -2.20
CA ALA A 472 3.83 -27.74 -2.46
C ALA A 472 3.72 -28.28 -3.87
N VAL A 473 4.19 -27.53 -4.85
CA VAL A 473 4.18 -27.91 -6.26
C VAL A 473 5.63 -28.12 -6.71
N GLN A 474 5.89 -29.26 -7.34
CA GLN A 474 7.21 -29.64 -7.84
C GLN A 474 7.30 -29.41 -9.33
N PHE A 475 8.36 -28.75 -9.78
CA PHE A 475 8.61 -28.50 -11.19
C PHE A 475 9.64 -29.44 -11.80
N VAL A 476 9.32 -29.99 -12.96
CA VAL A 476 10.17 -30.93 -13.67
C VAL A 476 10.44 -30.49 -15.11
N PRO A 477 11.68 -30.07 -15.44
CA PRO A 477 12.85 -29.94 -14.56
C PRO A 477 12.66 -28.77 -13.56
N PRO A 478 13.48 -28.70 -12.51
CA PRO A 478 13.37 -27.58 -11.57
C PRO A 478 13.54 -26.25 -12.28
N LEU A 479 12.91 -25.22 -11.71
CA LEU A 479 13.01 -23.88 -12.27
C LEU A 479 14.46 -23.37 -12.33
N PRO A 480 14.78 -22.49 -13.29
CA PRO A 480 16.14 -21.95 -13.37
C PRO A 480 16.47 -21.09 -12.17
N GLU A 481 17.76 -20.99 -11.89
CA GLU A 481 18.20 -20.22 -10.73
C GLU A 481 17.69 -18.78 -10.78
N TRP A 482 17.69 -18.16 -11.96
CA TRP A 482 17.26 -16.77 -12.00
C TRP A 482 15.81 -16.62 -11.56
N LYS A 483 15.01 -17.64 -11.78
CA LYS A 483 13.61 -17.56 -11.36
C LYS A 483 13.47 -17.90 -9.89
N THR A 484 14.14 -18.97 -9.43
CA THR A 484 13.97 -19.33 -8.03
C THR A 484 14.58 -18.29 -7.12
N SER A 485 15.72 -17.69 -7.51
CA SER A 485 16.30 -16.69 -6.63
C SER A 485 15.48 -15.42 -6.63
N ALA A 486 14.82 -15.09 -7.75
CA ALA A 486 13.84 -14.00 -7.66
C ALA A 486 12.71 -14.36 -6.71
N VAL A 487 12.21 -15.59 -6.78
CA VAL A 487 11.20 -16.03 -5.82
C VAL A 487 11.72 -15.87 -4.41
N GLN A 488 12.97 -16.26 -4.17
CA GLN A 488 13.56 -16.21 -2.85
C GLN A 488 13.64 -14.77 -2.35
N ARG A 489 14.01 -13.84 -3.23
CA ARG A 489 14.22 -12.46 -2.82
C ARG A 489 12.93 -11.74 -2.49
N MET A 490 11.88 -11.98 -3.25
CA MET A 490 10.68 -11.17 -3.11
C MET A 490 10.02 -11.37 -1.77
N GLY A 491 9.36 -10.33 -1.29
CA GLY A 491 8.56 -10.40 -0.07
C GLY A 491 7.14 -10.90 -0.36
N PHE A 492 6.60 -11.68 0.58
CA PHE A 492 5.18 -12.03 0.59
C PHE A 492 4.61 -11.79 1.98
N GLY A 493 3.78 -10.79 2.12
CA GLY A 493 3.30 -10.35 3.41
C GLY A 493 2.04 -11.06 3.90
N ASN A 494 1.43 -10.46 4.90
CA ASN A 494 0.28 -11.05 5.56
C ASN A 494 -0.58 -9.94 6.12
N LEU A 495 -1.86 -10.22 6.23
CA LEU A 495 -2.83 -9.28 6.74
C LEU A 495 -4.12 -10.04 7.00
N ASN A 496 -4.76 -9.78 8.13
CA ASN A 496 -5.94 -10.54 8.46
C ASN A 496 -7.06 -9.65 8.96
N LYS A 497 -8.26 -10.26 9.07
CA LYS A 497 -9.49 -9.56 9.39
C LYS A 497 -10.31 -10.33 10.39
N VAL A 498 -10.95 -9.59 11.29
CA VAL A 498 -12.06 -10.10 12.07
C VAL A 498 -13.33 -9.46 11.54
N VAL A 499 -14.30 -10.28 11.18
CA VAL A 499 -15.59 -9.79 10.70
C VAL A 499 -16.58 -9.90 11.85
N LEU A 500 -17.25 -8.80 12.16
CA LEU A 500 -18.22 -8.75 13.26
C LEU A 500 -19.59 -8.34 12.77
N CYS A 501 -20.54 -9.28 12.84
CA CYS A 501 -21.92 -9.02 12.43
C CYS A 501 -22.79 -8.80 13.64
N PHE A 502 -23.42 -7.62 13.73
CA PHE A 502 -24.31 -7.31 14.83
C PHE A 502 -25.75 -7.19 14.36
N ASP A 503 -26.65 -7.17 15.32
CA ASP A 503 -28.05 -6.88 15.01
C ASP A 503 -28.40 -5.41 15.12
N ARG A 504 -27.45 -4.55 15.47
CA ARG A 504 -27.69 -3.12 15.57
C ARG A 504 -26.40 -2.38 15.29
N VAL A 505 -26.50 -1.20 14.68
CA VAL A 505 -25.34 -0.35 14.44
C VAL A 505 -25.16 0.57 15.65
N PHE A 506 -24.06 0.40 16.37
CA PHE A 506 -23.73 1.27 17.50
C PHE A 506 -22.57 2.24 17.26
N TRP A 507 -21.93 2.22 16.10
CA TRP A 507 -20.84 3.14 15.82
C TRP A 507 -21.36 4.36 15.05
N ASP A 508 -20.44 5.24 14.68
CA ASP A 508 -20.82 6.42 13.91
C ASP A 508 -21.03 6.01 12.45
N PRO A 509 -22.29 6.03 12.00
CA PRO A 509 -22.61 5.54 10.66
C PRO A 509 -22.02 6.36 9.55
N SER A 510 -21.65 7.59 9.86
CA SER A 510 -21.15 8.52 8.86
C SER A 510 -19.65 8.43 8.71
N VAL A 511 -19.00 7.58 9.48
CA VAL A 511 -17.57 7.30 9.35
C VAL A 511 -17.33 5.87 8.89
N ASN A 512 -16.48 5.71 7.88
CA ASN A 512 -16.12 4.36 7.47
C ASN A 512 -14.97 3.78 8.26
N LEU A 513 -14.21 4.61 8.96
CA LEU A 513 -12.97 4.10 9.55
C LEU A 513 -12.79 4.66 10.94
N PHE A 514 -12.28 3.83 11.85
CA PHE A 514 -11.71 4.46 13.04
C PHE A 514 -10.59 3.60 13.56
N GLY A 515 -9.68 4.23 14.29
CA GLY A 515 -8.42 3.60 14.65
C GLY A 515 -8.38 3.34 16.14
N HIS A 516 -7.75 2.23 16.49
CA HIS A 516 -7.42 1.87 17.87
C HIS A 516 -5.91 1.92 17.99
N VAL A 517 -5.44 2.80 18.86
CA VAL A 517 -4.01 3.01 19.05
C VAL A 517 -3.48 1.95 20.00
N GLY A 518 -2.58 1.10 19.53
CA GLY A 518 -2.05 0.09 20.40
C GLY A 518 -1.12 0.67 21.43
N SER A 519 -0.98 -0.05 22.52
CA SER A 519 -0.19 0.43 23.65
C SER A 519 1.32 0.28 23.43
N THR A 520 1.76 -0.63 22.57
CA THR A 520 3.18 -0.86 22.38
C THR A 520 3.52 -0.89 20.90
N THR A 521 4.82 -0.71 20.63
CA THR A 521 5.33 -0.69 19.27
C THR A 521 5.19 -2.05 18.63
N ALA A 522 5.58 -3.10 19.36
CA ALA A 522 5.59 -4.44 18.78
C ALA A 522 4.20 -4.88 18.34
N SER A 523 3.17 -4.49 19.09
CA SER A 523 1.80 -4.89 18.80
C SER A 523 1.00 -3.78 18.16
N ARG A 524 1.67 -2.81 17.54
CA ARG A 524 0.94 -1.67 17.00
C ARG A 524 -0.06 -2.08 15.92
N GLY A 525 0.11 -3.23 15.28
CA GLY A 525 -0.81 -3.63 14.24
C GLY A 525 -2.00 -4.47 14.65
N GLU A 526 -2.18 -4.71 15.94
CA GLU A 526 -3.23 -5.61 16.45
C GLU A 526 -4.55 -4.87 16.49
N LEU A 527 -5.45 -5.19 15.57
CA LEU A 527 -6.79 -4.64 15.63
C LEU A 527 -6.72 -3.13 15.61
N PHE A 528 -5.88 -2.60 14.74
CA PHE A 528 -5.58 -1.19 14.80
C PHE A 528 -6.58 -0.36 14.02
N LEU A 529 -7.33 -0.98 13.13
CA LEU A 529 -8.22 -0.28 12.23
C LEU A 529 -9.54 -1.00 12.10
N PHE A 530 -10.60 -0.25 12.33
CA PHE A 530 -11.95 -0.76 12.23
C PHE A 530 -12.58 -0.13 11.01
N TRP A 531 -13.02 -0.99 10.12
CA TRP A 531 -13.59 -0.58 8.86
C TRP A 531 -15.08 -0.81 8.88
N ASN A 532 -15.77 0.08 8.18
CA ASN A 532 -17.22 0.19 8.18
C ASN A 532 -17.67 0.03 6.75
N LEU A 533 -18.63 -0.84 6.52
CA LEU A 533 -19.08 -1.10 5.17
C LEU A 533 -20.43 -0.41 5.03
N TYR A 534 -20.41 0.79 4.45
CA TYR A 534 -21.58 1.58 4.00
C TYR A 534 -22.67 1.54 5.07
N LYS A 535 -23.89 1.14 4.72
CA LYS A 535 -25.00 0.98 5.67
C LYS A 535 -25.21 -0.52 5.86
N ALA A 536 -24.57 -1.06 6.90
CA ALA A 536 -24.58 -2.48 7.25
C ALA A 536 -23.97 -2.64 8.63
N PRO A 537 -24.58 -3.44 9.50
CA PRO A 537 -24.04 -3.63 10.86
C PRO A 537 -22.83 -4.55 10.91
N ILE A 538 -21.85 -4.29 10.05
CA ILE A 538 -20.63 -5.09 10.00
C ILE A 538 -19.43 -4.23 10.36
N LEU A 539 -18.51 -4.82 11.11
CA LEU A 539 -17.22 -4.21 11.37
C LEU A 539 -16.13 -5.18 10.94
N LEU A 540 -15.17 -4.67 10.19
CA LEU A 540 -13.93 -5.37 9.92
C LEU A 540 -12.85 -4.77 10.81
N ALA A 541 -12.10 -5.61 11.50
CA ALA A 541 -10.95 -5.13 12.23
C ALA A 541 -9.74 -5.73 11.56
N LEU A 542 -8.75 -4.88 11.31
CA LEU A 542 -7.55 -5.32 10.63
C LEU A 542 -6.47 -5.74 11.61
N VAL A 543 -5.70 -6.74 11.21
CA VAL A 543 -4.51 -7.17 11.93
C VAL A 543 -3.31 -7.02 11.01
N ALA A 544 -2.42 -6.11 11.33
CA ALA A 544 -1.36 -5.73 10.42
C ALA A 544 0.00 -5.99 11.05
N GLY A 545 1.04 -5.92 10.23
CA GLY A 545 2.42 -5.97 10.71
C GLY A 545 2.81 -7.26 11.40
N GLU A 546 3.60 -7.11 12.47
CA GLU A 546 4.06 -8.27 13.25
C GLU A 546 2.88 -9.05 13.81
N ALA A 547 1.80 -8.36 14.15
CA ALA A 547 0.64 -9.04 14.71
C ALA A 547 -0.03 -9.99 13.72
N ALA A 548 0.06 -9.69 12.42
CA ALA A 548 -0.79 -10.41 11.46
C ALA A 548 -0.51 -11.91 11.49
N GLY A 549 0.75 -12.31 11.42
CA GLY A 549 1.04 -13.74 11.45
C GLY A 549 0.81 -14.35 12.82
N ILE A 550 1.19 -13.62 13.88
CA ILE A 550 1.14 -14.17 15.23
C ILE A 550 -0.29 -14.43 15.67
N MET A 551 -1.18 -13.54 15.28
CA MET A 551 -2.57 -13.60 15.69
C MET A 551 -3.28 -14.79 15.07
N GLU A 552 -2.78 -15.33 13.96
CA GLU A 552 -3.41 -16.54 13.41
C GLU A 552 -3.45 -17.67 14.42
N ASN A 553 -2.58 -17.65 15.42
CA ASN A 553 -2.57 -18.69 16.45
C ASN A 553 -3.60 -18.48 17.56
N ILE A 554 -4.44 -17.47 17.46
CA ILE A 554 -5.49 -17.17 18.43
C ILE A 554 -6.82 -17.69 17.92
N SER A 555 -7.60 -18.32 18.79
CA SER A 555 -8.89 -18.81 18.37
C SER A 555 -9.82 -17.65 18.01
N ASP A 556 -10.81 -17.97 17.16
CA ASP A 556 -11.81 -16.98 16.75
C ASP A 556 -12.43 -16.29 17.97
N ASP A 557 -12.91 -17.09 18.92
CA ASP A 557 -13.65 -16.54 20.07
C ASP A 557 -12.79 -15.58 20.88
N VAL A 558 -11.50 -15.90 21.09
CA VAL A 558 -10.64 -15.02 21.89
C VAL A 558 -10.34 -13.71 21.18
N ILE A 559 -10.05 -13.77 19.90
CA ILE A 559 -9.74 -12.53 19.19
C ILE A 559 -10.99 -11.66 19.06
N VAL A 560 -12.15 -12.29 18.83
CA VAL A 560 -13.39 -11.55 18.85
C VAL A 560 -13.56 -10.87 20.22
N GLY A 561 -13.30 -11.60 21.29
CA GLY A 561 -13.38 -11.00 22.60
C GLY A 561 -12.51 -9.77 22.73
N ARG A 562 -11.33 -9.82 22.13
CA ARG A 562 -10.46 -8.65 22.22
C ARG A 562 -11.01 -7.49 21.40
N CYS A 563 -11.60 -7.81 20.25
CA CYS A 563 -12.33 -6.79 19.51
C CYS A 563 -13.39 -6.14 20.37
N LEU A 564 -14.23 -6.96 20.99
CA LEU A 564 -15.35 -6.44 21.75
C LEU A 564 -14.86 -5.60 22.90
N ALA A 565 -13.74 -5.99 23.51
CA ALA A 565 -13.20 -5.20 24.61
C ALA A 565 -12.79 -3.81 24.13
N ILE A 566 -12.14 -3.75 22.97
CA ILE A 566 -11.79 -2.46 22.36
C ILE A 566 -13.04 -1.62 22.10
N LEU A 567 -14.04 -2.22 21.47
CA LEU A 567 -15.23 -1.46 21.12
C LEU A 567 -16.02 -1.03 22.34
N LYS A 568 -16.05 -1.87 23.38
CA LYS A 568 -16.71 -1.48 24.62
C LYS A 568 -15.94 -0.33 25.27
N GLY A 569 -14.63 -0.32 25.11
CA GLY A 569 -13.86 0.80 25.61
C GLY A 569 -14.19 2.09 24.89
N ILE A 570 -14.49 2.00 23.59
CA ILE A 570 -14.74 3.23 22.85
C ILE A 570 -16.16 3.71 23.05
N PHE A 571 -17.14 2.82 22.97
CA PHE A 571 -18.55 3.21 22.97
C PHE A 571 -19.31 2.93 24.26
N GLY A 572 -18.71 2.27 25.25
CA GLY A 572 -19.46 1.88 26.44
C GLY A 572 -19.82 0.41 26.48
N SER A 573 -19.72 -0.20 27.67
CA SER A 573 -19.92 -1.64 27.77
C SER A 573 -21.35 -2.06 27.43
N SER A 574 -22.34 -1.25 27.76
CA SER A 574 -23.71 -1.65 27.46
C SER A 574 -24.14 -1.35 26.03
N ALA A 575 -23.36 -0.57 25.28
CA ALA A 575 -23.72 -0.26 23.89
C ALA A 575 -23.31 -1.34 22.91
N VAL A 576 -22.52 -2.31 23.34
CA VAL A 576 -21.95 -3.27 22.42
C VAL A 576 -22.58 -4.63 22.70
N PRO A 577 -23.49 -5.09 21.86
CA PRO A 577 -24.12 -6.39 22.06
C PRO A 577 -23.20 -7.50 21.56
N GLN A 578 -23.59 -8.73 21.87
CA GLN A 578 -22.84 -9.86 21.38
C GLN A 578 -23.08 -10.00 19.87
N PRO A 579 -22.04 -10.27 19.09
CA PRO A 579 -22.22 -10.46 17.64
C PRO A 579 -23.05 -11.70 17.32
N LYS A 580 -23.81 -11.61 16.21
CA LYS A 580 -24.58 -12.77 15.74
C LYS A 580 -23.75 -13.72 14.88
N GLU A 581 -22.78 -13.22 14.10
CA GLU A 581 -21.87 -14.05 13.32
C GLU A 581 -20.49 -13.42 13.31
N THR A 582 -19.43 -14.25 13.34
CA THR A 582 -18.05 -13.79 13.23
C THR A 582 -17.26 -14.62 12.23
N VAL A 583 -16.27 -14.00 11.59
CA VAL A 583 -15.32 -14.66 10.69
C VAL A 583 -13.94 -14.09 10.89
N VAL A 584 -12.92 -14.94 10.77
CA VAL A 584 -11.52 -14.54 10.97
C VAL A 584 -10.68 -15.11 9.83
N SER A 585 -10.04 -14.24 9.06
CA SER A 585 -9.10 -14.70 8.05
C SER A 585 -7.79 -15.11 8.69
N ARG A 586 -7.15 -16.12 8.09
CA ARG A 586 -5.81 -16.58 8.45
C ARG A 586 -5.06 -16.81 7.15
N TRP A 587 -4.67 -15.73 6.48
CA TRP A 587 -4.12 -15.87 5.13
C TRP A 587 -2.79 -16.61 5.11
N ARG A 588 -1.95 -16.40 6.12
CA ARG A 588 -0.66 -17.08 6.13
C ARG A 588 -0.82 -18.60 6.21
N ALA A 589 -1.73 -19.07 7.09
CA ALA A 589 -1.92 -20.50 7.26
C ALA A 589 -2.68 -21.14 6.12
N ASP A 590 -3.31 -20.33 5.29
CA ASP A 590 -4.02 -20.87 4.17
C ASP A 590 -3.02 -21.47 3.19
N PRO A 591 -3.04 -22.78 2.98
CA PRO A 591 -2.02 -23.42 2.14
C PRO A 591 -2.12 -23.00 0.70
N TRP A 592 -3.24 -22.43 0.28
CA TRP A 592 -3.43 -21.96 -1.09
C TRP A 592 -3.07 -20.52 -1.24
N ALA A 593 -2.56 -19.89 -0.19
CA ALA A 593 -2.14 -18.51 -0.24
C ALA A 593 -0.79 -18.39 0.44
N ARG A 594 -0.66 -18.98 1.63
CA ARG A 594 0.56 -18.90 2.43
C ARG A 594 1.01 -17.44 2.64
N GLY A 595 0.05 -16.53 2.79
CA GLY A 595 0.33 -15.11 2.93
C GLY A 595 -0.70 -14.26 2.21
N SER A 596 -0.59 -12.93 2.16
CA SER A 596 -1.64 -12.14 1.52
C SER A 596 -1.23 -11.63 0.13
N TYR A 597 -0.10 -10.94 0.00
CA TYR A 597 0.36 -10.49 -1.31
C TYR A 597 1.80 -10.01 -1.19
N SER A 598 2.48 -9.95 -2.33
CA SER A 598 3.89 -9.61 -2.36
C SER A 598 4.18 -8.19 -1.89
N TYR A 599 5.45 -7.97 -1.55
CA TYR A 599 6.00 -6.65 -1.28
C TYR A 599 7.46 -6.63 -1.70
N VAL A 600 7.98 -5.42 -1.89
CA VAL A 600 9.35 -5.34 -2.35
C VAL A 600 10.26 -5.44 -1.13
N ALA A 601 10.80 -6.63 -0.91
CA ALA A 601 11.64 -6.84 0.27
C ALA A 601 12.97 -6.12 0.08
N ALA A 602 13.55 -5.72 1.19
CA ALA A 602 14.89 -5.15 1.17
C ALA A 602 15.82 -6.14 0.46
N GLY A 603 16.53 -5.65 -0.54
CA GLY A 603 17.34 -6.49 -1.38
C GLY A 603 16.65 -7.06 -2.60
N SER A 604 15.39 -6.75 -2.81
CA SER A 604 14.68 -7.02 -4.04
C SER A 604 14.49 -5.70 -4.79
N SER A 605 13.75 -5.74 -5.90
CA SER A 605 13.44 -4.51 -6.62
C SER A 605 12.35 -4.82 -7.63
N GLY A 606 11.80 -3.77 -8.22
CA GLY A 606 10.81 -3.91 -9.28
C GLY A 606 11.28 -4.91 -10.33
N ASN A 607 12.58 -4.96 -10.55
CA ASN A 607 13.11 -5.83 -11.57
C ASN A 607 12.79 -7.30 -11.30
N ASP A 608 12.67 -7.68 -10.03
CA ASP A 608 12.30 -9.06 -9.74
C ASP A 608 10.90 -9.39 -10.23
N TYR A 609 10.00 -8.40 -10.25
CA TYR A 609 8.68 -8.66 -10.80
C TYR A 609 8.74 -8.97 -12.27
N ASP A 610 9.66 -8.32 -12.99
CA ASP A 610 9.80 -8.67 -14.40
C ASP A 610 10.34 -10.08 -14.52
N LEU A 611 11.30 -10.45 -13.67
CA LEU A 611 11.80 -11.82 -13.74
C LEU A 611 10.70 -12.80 -13.47
N MET A 612 9.79 -12.48 -12.54
CA MET A 612 8.68 -13.39 -12.28
C MET A 612 7.82 -13.57 -13.52
N ALA A 613 7.63 -12.49 -14.29
CA ALA A 613 6.80 -12.59 -15.47
C ALA A 613 7.45 -13.38 -16.62
N GLN A 614 8.76 -13.59 -16.57
CA GLN A 614 9.44 -14.17 -17.72
C GLN A 614 9.09 -15.66 -17.87
N PRO A 615 8.64 -16.10 -19.05
CA PRO A 615 8.36 -17.52 -19.24
C PRO A 615 9.64 -18.36 -19.32
N ILE A 616 9.47 -19.65 -19.07
CA ILE A 616 10.56 -20.61 -19.13
C ILE A 616 10.53 -21.35 -20.45
N THR A 617 11.72 -21.58 -21.03
CA THR A 617 11.88 -22.41 -22.20
C THR A 617 12.84 -23.55 -21.89
N PRO A 618 12.48 -24.82 -22.10
CA PRO A 618 13.48 -25.89 -21.93
C PRO A 618 14.61 -25.79 -22.97
N GLY A 619 15.84 -26.06 -22.51
CA GLY A 619 17.05 -25.86 -23.28
C GLY A 619 17.13 -26.49 -24.67
N PRO A 620 18.01 -25.94 -25.53
CA PRO A 620 18.11 -26.33 -26.95
C PRO A 620 18.43 -27.79 -27.13
N PRO A 628 14.16 -23.58 -29.73
CA PRO A 628 13.20 -24.11 -28.74
C PRO A 628 12.16 -23.07 -28.35
N ILE A 629 11.02 -23.46 -27.76
CA ILE A 629 9.92 -22.53 -27.49
C ILE A 629 9.37 -22.60 -26.06
N PRO A 630 8.86 -21.49 -25.53
CA PRO A 630 8.40 -21.45 -24.14
C PRO A 630 7.19 -22.32 -23.84
N ARG A 631 7.21 -22.96 -22.68
CA ARG A 631 6.13 -23.83 -22.26
C ARG A 631 5.44 -23.36 -20.99
N LEU A 632 6.19 -22.82 -20.05
CA LEU A 632 5.68 -22.47 -18.73
C LEU A 632 5.61 -20.96 -18.55
N PHE A 633 4.42 -20.44 -18.27
CA PHE A 633 4.14 -19.02 -18.21
C PHE A 633 3.68 -18.61 -16.82
N PHE A 634 3.80 -17.33 -16.52
CA PHE A 634 3.52 -16.91 -15.15
C PHE A 634 2.68 -15.66 -15.15
N ALA A 635 1.65 -15.69 -14.33
CA ALA A 635 0.81 -14.53 -14.08
C ALA A 635 0.45 -14.53 -12.60
N GLY A 636 -0.26 -13.49 -12.18
CA GLY A 636 -0.52 -13.29 -10.78
C GLY A 636 0.00 -11.95 -10.33
N GLU A 637 -0.47 -11.47 -9.18
CA GLU A 637 -0.15 -10.11 -8.75
C GLU A 637 1.35 -9.90 -8.60
N HIS A 638 2.09 -10.95 -8.32
CA HIS A 638 3.55 -10.88 -8.13
C HIS A 638 4.35 -10.84 -9.44
N THR A 639 3.70 -10.72 -10.60
CA THR A 639 4.41 -10.73 -11.87
C THR A 639 4.30 -9.41 -12.61
N ILE A 640 3.70 -8.40 -12.00
CA ILE A 640 3.42 -7.15 -12.69
C ILE A 640 4.02 -5.98 -11.91
N ARG A 641 5.16 -5.52 -12.43
CA ARG A 641 6.00 -4.52 -11.76
C ARG A 641 5.23 -3.25 -11.42
N ASN A 642 4.32 -2.82 -12.29
CA ASN A 642 3.70 -1.53 -12.03
C ASN A 642 2.41 -1.62 -11.25
N TYR A 643 1.87 -2.83 -11.05
CA TYR A 643 0.62 -2.92 -10.30
C TYR A 643 0.59 -4.10 -9.34
N PRO A 644 1.67 -4.35 -8.59
CA PRO A 644 1.71 -5.59 -7.80
C PRO A 644 0.71 -5.49 -6.66
N ALA A 645 0.38 -6.65 -6.08
CA ALA A 645 -0.43 -6.72 -4.85
C ALA A 645 -1.85 -6.14 -5.01
N THR A 646 -2.43 -6.17 -6.20
CA THR A 646 -3.76 -5.63 -6.39
C THR A 646 -4.59 -6.59 -7.22
N VAL A 647 -5.91 -6.39 -7.18
CA VAL A 647 -6.79 -7.15 -8.06
C VAL A 647 -6.59 -6.75 -9.51
N HIS A 648 -6.48 -5.45 -9.79
CA HIS A 648 -6.31 -5.04 -11.17
C HIS A 648 -4.97 -5.46 -11.71
N GLY A 649 -3.94 -5.53 -10.87
CA GLY A 649 -2.66 -5.99 -11.35
C GLY A 649 -2.71 -7.46 -11.70
N ALA A 650 -3.34 -8.26 -10.85
CA ALA A 650 -3.61 -9.64 -11.18
C ALA A 650 -4.36 -9.74 -12.51
N LEU A 651 -5.40 -8.93 -12.67
CA LEU A 651 -6.15 -8.96 -13.91
C LEU A 651 -5.29 -8.63 -15.11
N LEU A 652 -4.60 -7.49 -15.05
CA LEU A 652 -3.75 -7.08 -16.15
C LEU A 652 -2.72 -8.15 -16.48
N SER A 653 -2.18 -8.81 -15.44
CA SER A 653 -1.16 -9.83 -15.65
C SER A 653 -1.74 -11.02 -16.39
N GLY A 654 -2.98 -11.37 -16.07
CA GLY A 654 -3.64 -12.42 -16.83
C GLY A 654 -3.80 -12.04 -18.29
N LEU A 655 -4.23 -10.80 -18.53
CA LEU A 655 -4.34 -10.33 -19.92
C LEU A 655 -2.99 -10.35 -20.63
N ARG A 656 -1.94 -9.94 -19.93
CA ARG A 656 -0.63 -9.92 -20.55
C ARG A 656 -0.23 -11.31 -20.99
N GLU A 657 -0.36 -12.29 -20.09
CA GLU A 657 0.10 -13.64 -20.42
C GLU A 657 -0.77 -14.27 -21.48
N ALA A 658 -2.06 -13.97 -21.48
CA ALA A 658 -2.90 -14.49 -22.55
C ALA A 658 -2.39 -13.98 -23.88
N GLY A 659 -2.05 -12.69 -23.95
CA GLY A 659 -1.48 -12.16 -25.17
C GLY A 659 -0.19 -12.86 -25.54
N ARG A 660 0.69 -13.08 -24.56
CA ARG A 660 1.96 -13.71 -24.87
C ARG A 660 1.78 -15.12 -25.39
N ILE A 661 0.91 -15.88 -24.75
CA ILE A 661 0.68 -17.26 -25.12
C ILE A 661 0.01 -17.37 -26.50
N ALA A 662 -1.01 -16.55 -26.76
CA ALA A 662 -1.63 -16.56 -28.08
C ALA A 662 -0.64 -16.14 -29.16
N ASP A 663 0.20 -15.15 -28.86
CA ASP A 663 1.22 -14.76 -29.83
C ASP A 663 2.10 -15.94 -30.17
N GLN A 664 2.44 -16.75 -29.15
CA GLN A 664 3.31 -17.89 -29.38
C GLN A 664 2.62 -18.98 -30.20
N PHE A 665 1.37 -19.31 -29.86
CA PHE A 665 0.73 -20.51 -30.40
C PHE A 665 -0.24 -20.24 -31.54
N LEU A 666 -0.54 -18.98 -31.86
CA LEU A 666 -1.36 -18.64 -33.01
C LEU A 666 -0.71 -17.61 -33.91
N GLY A 667 0.37 -16.95 -33.47
CA GLY A 667 1.13 -16.07 -34.32
C GLY A 667 0.93 -14.57 -34.12
N ALA A 668 2.00 -13.79 -34.21
CA ALA A 668 1.92 -12.33 -34.01
C ALA A 668 1.44 -11.61 -35.28
#